data_3BE8
#
_entry.id   3BE8
#
_cell.length_a   139.730
_cell.length_b   154.050
_cell.length_c   81.300
_cell.angle_alpha   90.00
_cell.angle_beta   90.00
_cell.angle_gamma   90.00
#
_symmetry.space_group_name_H-M   'P 21 21 2'
#
loop_
_entity.id
_entity.type
_entity.pdbx_description
1 polymer 'Neuroligin-4, X-linked'
2 non-polymer 2-acetamido-2-deoxy-beta-D-glucopyranose
3 non-polymer 'CITRATE ANION'
4 non-polymer 'PHOSPHATE ION'
5 non-polymer 'CHLORIDE ION'
6 non-polymer 'SODIUM ION'
7 non-polymer GLYCEROL
8 water water
#
_entity_poly.entity_id   1
_entity_poly.type   'polypeptide(L)'
_entity_poly.pdbx_seq_one_letter_code
;DYKDDDDKLAAAQYPVVNTNYGKIRGLRTPLPNEILGPVEQYLGVPYASPPTGERRFQPPEPPSSWTGIRNTTQFAAVCP
QHLDERSLLHDMLPIWFTANLDTLMTYVQDQNEDCLYLNIYVPTEDDIHDQNSKKPVMVYIHGGSYMEGTGNMIDGSILA
SYGNVIVITINYRLGILGFLSTGDQAAKGNYGLLDQIQALRWIEENVGAFGGDPKRVTIFGSGAGASCVSLLTLSHYSEG
LFQKAIIQSGTALSSWAVNYQPAKYTRILADKVGCNMLDTTDMVECLRNKNYKELIQQTITPATYHIAFGPVIDGDVIPD
DPQILMEQGEFLNYDIMLGVNQGEGLKFVDGIVDNEDGVTPNDFDFSVSNFVDNLYGYPEGKDTLRETIKFMYTDWADKE
NPETRRKTLVALFTDHQWVAPAVATADLHAQYGSPTYFYAFYHHCQSEMKPSWADSAHGDEVPYVFGIPMIGPTELFSCN
FSKNDVMLSAVVMTYWTNFAKTGDPNQPVPQDTKFIHTKPNRFEEVAWSRYNPKDQLYLHIGLKPRVRDHYRATKVAFWL
ELVPHLHNLNEIFQYVSTTTKVPPPDMT
;
_entity_poly.pdbx_strand_id   A,B
#
loop_
_chem_comp.id
_chem_comp.type
_chem_comp.name
_chem_comp.formula
CL non-polymer 'CHLORIDE ION' 'Cl -1'
FLC non-polymer 'CITRATE ANION' 'C6 H5 O7 -3'
GOL non-polymer GLYCEROL 'C3 H8 O3'
NA non-polymer 'SODIUM ION' 'Na 1'
NAG D-saccharide, beta linking 2-acetamido-2-deoxy-beta-D-glucopyranose 'C8 H15 N O6'
PO4 non-polymer 'PHOSPHATE ION' 'O4 P -3'
#
# COMPACT_ATOMS: atom_id res chain seq x y z
N ASP A 5 -5.16 66.99 15.58
CA ASP A 5 -6.65 66.75 15.51
C ASP A 5 -7.42 67.74 16.39
N ASP A 6 -8.49 68.30 15.83
CA ASP A 6 -9.30 69.32 16.49
C ASP A 6 -10.56 68.72 17.09
N ASP A 7 -11.37 68.04 16.27
CA ASP A 7 -12.50 67.29 16.79
C ASP A 7 -12.02 65.86 17.07
N LYS A 8 -11.45 65.66 18.26
CA LYS A 8 -10.79 64.39 18.60
C LYS A 8 -11.70 63.19 18.61
N LEU A 9 -12.97 63.40 18.93
CA LEU A 9 -13.93 62.32 18.97
C LEU A 9 -14.29 61.81 17.57
N ALA A 10 -14.55 62.74 16.65
CA ALA A 10 -14.80 62.42 15.25
C ALA A 10 -13.60 61.69 14.64
N ALA A 11 -12.39 62.14 14.99
CA ALA A 11 -11.17 61.57 14.49
C ALA A 11 -10.93 60.13 14.98
N ALA A 12 -11.48 59.81 16.17
CA ALA A 12 -11.46 58.46 16.74
C ALA A 12 -12.55 57.55 16.12
N GLN A 13 -13.77 58.07 16.03
CA GLN A 13 -14.90 57.31 15.48
C GLN A 13 -14.83 57.08 13.98
N TYR A 14 -14.32 58.09 13.27
CA TYR A 14 -14.26 58.08 11.80
C TYR A 14 -12.83 58.39 11.40
N PRO A 15 -11.91 57.45 11.63
CA PRO A 15 -10.49 57.72 11.47
C PRO A 15 -10.05 58.02 10.02
N VAL A 16 -9.18 59.00 9.88
CA VAL A 16 -8.70 59.46 8.57
C VAL A 16 -7.25 59.02 8.45
N VAL A 17 -6.92 58.42 7.32
CA VAL A 17 -5.54 58.02 7.02
C VAL A 17 -5.11 58.74 5.72
N ASN A 18 -3.88 59.28 5.71
CA ASN A 18 -3.29 59.90 4.53
C ASN A 18 -2.47 58.88 3.72
N THR A 19 -3.04 58.41 2.61
CA THR A 19 -2.30 57.53 1.71
C THR A 19 -1.49 58.39 0.74
N ASN A 20 -0.63 57.75 -0.05
CA ASN A 20 0.13 58.44 -1.10
C ASN A 20 -0.74 59.05 -2.18
N TYR A 21 -2.03 58.66 -2.23
CA TYR A 21 -2.98 59.13 -3.24
C TYR A 21 -4.02 60.10 -2.69
N GLY A 22 -3.97 60.37 -1.40
CA GLY A 22 -4.98 61.21 -0.76
C GLY A 22 -5.46 60.63 0.56
N LYS A 23 -6.31 61.39 1.22
CA LYS A 23 -6.85 61.01 2.51
C LYS A 23 -8.13 60.19 2.35
N ILE A 24 -8.29 59.17 3.19
CA ILE A 24 -9.51 58.33 3.26
C ILE A 24 -10.07 58.34 4.67
N ARG A 25 -11.39 58.17 4.81
CA ARG A 25 -12.07 58.13 6.10
C ARG A 25 -12.71 56.76 6.25
N GLY A 26 -12.38 56.09 7.36
CA GLY A 26 -12.93 54.79 7.68
C GLY A 26 -13.89 54.88 8.87
N LEU A 27 -14.17 53.73 9.46
CA LEU A 27 -15.16 53.55 10.49
C LEU A 27 -14.58 52.76 11.65
N ARG A 28 -14.52 53.35 12.84
CA ARG A 28 -14.21 52.53 14.02
C ARG A 28 -15.41 51.65 14.35
N THR A 29 -15.18 50.35 14.45
CA THR A 29 -16.25 49.34 14.52
C THR A 29 -16.07 48.43 15.73
N PRO A 30 -16.96 48.54 16.75
CA PRO A 30 -16.95 47.57 17.85
C PRO A 30 -17.29 46.16 17.41
N LEU A 31 -16.79 45.17 18.14
CA LEU A 31 -17.10 43.76 17.84
C LEU A 31 -18.01 43.24 18.96
N PRO A 32 -19.11 42.53 18.61
CA PRO A 32 -20.07 42.14 19.65
C PRO A 32 -19.41 41.29 20.74
N ASN A 33 -18.50 40.39 20.36
CA ASN A 33 -17.75 39.60 21.32
C ASN A 33 -17.09 40.48 22.39
N GLU A 34 -17.44 40.22 23.63
CA GLU A 34 -17.02 41.08 24.74
C GLU A 34 -15.53 41.22 24.93
N ILE A 35 -14.78 40.17 24.55
CA ILE A 35 -13.34 40.19 24.81
CA ILE A 35 -13.34 40.13 24.79
C ILE A 35 -12.51 40.51 23.57
N LEU A 36 -13.18 40.89 22.49
CA LEU A 36 -12.49 41.40 21.31
C LEU A 36 -12.67 42.94 21.19
N GLY A 37 -11.54 43.65 21.13
CA GLY A 37 -11.55 45.10 20.94
C GLY A 37 -11.97 45.57 19.55
N PRO A 38 -12.36 46.86 19.43
CA PRO A 38 -12.78 47.37 18.13
C PRO A 38 -11.68 47.32 17.05
N VAL A 39 -12.11 47.42 15.79
CA VAL A 39 -11.20 47.55 14.67
C VAL A 39 -11.62 48.77 13.83
N GLU A 40 -10.64 49.36 13.16
CA GLU A 40 -10.91 50.38 12.15
C GLU A 40 -11.09 49.69 10.82
N GLN A 41 -12.21 49.96 10.15
CA GLN A 41 -12.49 49.42 8.80
C GLN A 41 -12.40 50.50 7.73
N TYR A 42 -11.62 50.20 6.70
CA TYR A 42 -11.48 51.03 5.51
C TYR A 42 -11.89 50.13 4.36
N LEU A 43 -13.15 50.29 3.94
CA LEU A 43 -13.75 49.41 2.94
C LEU A 43 -13.82 50.12 1.59
N GLY A 44 -13.43 49.42 0.53
CA GLY A 44 -13.55 49.97 -0.81
C GLY A 44 -12.44 50.92 -1.14
N VAL A 45 -11.23 50.58 -0.73
CA VAL A 45 -10.06 51.39 -1.02
C VAL A 45 -9.54 51.04 -2.40
N PRO A 46 -9.51 52.04 -3.32
CA PRO A 46 -8.98 51.75 -4.67
C PRO A 46 -7.46 51.53 -4.65
N TYR A 47 -7.01 50.43 -5.24
CA TYR A 47 -5.59 50.15 -5.32
C TYR A 47 -5.02 50.23 -6.73
N ALA A 48 -5.89 50.47 -7.71
CA ALA A 48 -5.51 50.53 -9.11
C ALA A 48 -6.55 51.33 -9.84
N SER A 49 -6.22 51.83 -11.04
CA SER A 49 -7.21 52.44 -11.93
C SER A 49 -8.22 51.40 -12.42
N PRO A 50 -9.47 51.82 -12.71
CA PRO A 50 -10.50 50.89 -13.26
C PRO A 50 -10.03 50.19 -14.55
N PRO A 51 -10.04 48.84 -14.58
CA PRO A 51 -9.54 48.14 -15.77
C PRO A 51 -10.59 48.04 -16.86
N THR A 52 -11.04 49.21 -17.34
CA THR A 52 -12.18 49.35 -18.23
C THR A 52 -11.75 49.94 -19.58
N GLY A 53 -12.63 49.76 -20.57
CA GLY A 53 -12.37 50.25 -21.95
C GLY A 53 -11.06 49.67 -22.49
N GLU A 54 -10.11 50.53 -22.82
CA GLU A 54 -8.84 50.06 -23.39
CA GLU A 54 -8.85 50.08 -23.39
C GLU A 54 -7.94 49.39 -22.35
N ARG A 55 -8.27 49.54 -21.05
CA ARG A 55 -7.52 48.88 -19.97
CA ARG A 55 -7.50 48.88 -19.99
C ARG A 55 -8.04 47.47 -19.66
N ARG A 56 -9.12 47.06 -20.32
CA ARG A 56 -9.59 45.66 -20.26
C ARG A 56 -8.58 44.79 -21.00
N PHE A 57 -8.29 43.61 -20.44
CA PHE A 57 -7.20 42.73 -20.91
C PHE A 57 -5.84 43.46 -21.00
N GLN A 58 -5.58 44.37 -20.07
CA GLN A 58 -4.26 44.99 -19.91
C GLN A 58 -3.85 44.94 -18.44
N PRO A 59 -2.54 45.03 -18.15
CA PRO A 59 -2.12 45.08 -16.77
C PRO A 59 -2.77 46.26 -16.01
N PRO A 60 -2.91 46.12 -14.70
CA PRO A 60 -3.44 47.23 -13.91
C PRO A 60 -2.46 48.42 -13.83
N GLU A 61 -3.01 49.62 -13.77
CA GLU A 61 -2.23 50.81 -13.56
CA GLU A 61 -2.25 50.84 -13.57
C GLU A 61 -2.52 51.38 -12.17
N PRO A 62 -1.60 52.22 -11.64
CA PRO A 62 -1.87 52.80 -10.31
C PRO A 62 -3.16 53.65 -10.29
N PRO A 63 -3.79 53.78 -9.11
CA PRO A 63 -5.01 54.54 -9.06
C PRO A 63 -4.73 56.04 -9.19
N SER A 64 -5.77 56.81 -9.54
CA SER A 64 -5.65 58.27 -9.51
C SER A 64 -5.62 58.83 -8.07
N SER A 65 -4.90 59.92 -7.92
CA SER A 65 -4.94 60.73 -6.72
C SER A 65 -6.21 61.56 -6.66
N TRP A 66 -6.48 62.07 -5.45
CA TRP A 66 -7.61 62.97 -5.22
C TRP A 66 -7.25 64.01 -4.15
N THR A 67 -8.02 65.10 -4.14
CA THR A 67 -8.00 66.10 -3.07
C THR A 67 -9.16 65.85 -2.11
N GLY A 68 -9.08 66.43 -0.92
CA GLY A 68 -10.09 66.22 0.11
C GLY A 68 -10.00 64.83 0.74
N ILE A 69 -11.08 64.42 1.41
CA ILE A 69 -11.15 63.18 2.15
C ILE A 69 -12.19 62.29 1.47
N ARG A 70 -11.72 61.14 0.99
CA ARG A 70 -12.55 60.17 0.33
C ARG A 70 -13.08 59.17 1.38
N ASN A 71 -14.38 58.96 1.43
CA ASN A 71 -14.96 57.99 2.35
C ASN A 71 -14.68 56.57 1.85
N THR A 72 -14.22 55.72 2.76
CA THR A 72 -14.04 54.30 2.46
C THR A 72 -14.74 53.57 3.57
N THR A 73 -16.06 53.65 3.54
CA THR A 73 -16.94 53.23 4.64
C THR A 73 -17.93 52.13 4.24
N GLN A 74 -17.89 51.69 2.99
CA GLN A 74 -18.66 50.52 2.57
C GLN A 74 -17.95 49.79 1.46
N PHE A 75 -18.33 48.53 1.29
CA PHE A 75 -17.80 47.69 0.24
C PHE A 75 -18.01 48.31 -1.15
N ALA A 76 -17.00 48.22 -1.99
CA ALA A 76 -17.12 48.61 -3.40
C ALA A 76 -17.73 47.46 -4.20
N ALA A 77 -17.99 47.74 -5.46
CA ALA A 77 -18.50 46.75 -6.41
C ALA A 77 -17.60 45.54 -6.52
N VAL A 78 -18.22 44.42 -6.78
CA VAL A 78 -17.60 43.11 -6.91
C VAL A 78 -17.19 42.89 -8.40
N CYS A 79 -16.20 42.04 -8.67
CA CYS A 79 -15.81 41.82 -10.08
C CYS A 79 -16.89 41.00 -10.81
N PRO A 80 -17.18 41.32 -12.08
CA PRO A 80 -18.24 40.57 -12.77
C PRO A 80 -17.99 39.07 -12.76
N GLN A 81 -19.04 38.31 -12.52
CA GLN A 81 -18.91 36.87 -12.32
C GLN A 81 -20.21 36.13 -12.59
N HIS A 82 -20.02 35.05 -13.31
CA HIS A 82 -21.03 34.05 -13.53
C HIS A 82 -20.20 32.75 -13.74
N LEU A 83 -20.86 31.63 -13.46
CA LEU A 83 -20.33 30.31 -13.82
C LEU A 83 -21.46 29.28 -13.76
N ASP A 84 -21.55 28.48 -14.83
CA ASP A 84 -22.48 27.34 -14.94
C ASP A 84 -22.58 26.60 -13.60
N GLU A 85 -23.80 26.46 -13.07
CA GLU A 85 -23.95 25.86 -11.73
C GLU A 85 -23.89 24.34 -11.74
N ARG A 86 -23.75 23.73 -12.92
CA ARG A 86 -23.39 22.31 -13.05
C ARG A 86 -21.91 22.07 -13.37
N SER A 87 -21.15 23.15 -13.56
CA SER A 87 -19.70 23.06 -13.75
C SER A 87 -19.05 22.26 -12.61
N LEU A 88 -18.06 21.43 -12.95
CA LEU A 88 -17.23 20.78 -11.92
C LEU A 88 -16.54 21.84 -11.02
N LEU A 89 -16.11 22.95 -11.62
CA LEU A 89 -15.50 24.04 -10.85
C LEU A 89 -16.48 24.72 -9.87
N HIS A 90 -17.77 24.69 -10.24
CA HIS A 90 -18.81 25.23 -9.39
C HIS A 90 -19.14 24.26 -8.26
N ASP A 91 -19.12 22.97 -8.58
CA ASP A 91 -19.46 21.95 -7.59
C ASP A 91 -18.33 21.73 -6.56
N MET A 92 -17.09 22.04 -6.93
CA MET A 92 -15.94 21.94 -6.00
C MET A 92 -15.84 23.10 -4.99
N LEU A 93 -16.61 24.17 -5.19
CA LEU A 93 -16.65 25.27 -4.21
C LEU A 93 -17.06 24.80 -2.83
N PRO A 94 -16.55 25.49 -1.78
CA PRO A 94 -16.98 25.17 -0.40
C PRO A 94 -18.50 25.21 -0.19
N ILE A 95 -18.94 24.41 0.79
CA ILE A 95 -20.36 24.29 1.17
C ILE A 95 -21.00 25.65 1.59
N TRP A 96 -20.17 26.56 2.08
CA TRP A 96 -20.61 27.87 2.56
C TRP A 96 -20.53 28.99 1.50
N PHE A 97 -19.82 28.73 0.41
CA PHE A 97 -19.42 29.78 -0.57
C PHE A 97 -20.61 30.57 -1.18
N THR A 98 -21.48 29.87 -1.90
CA THR A 98 -22.60 30.50 -2.61
C THR A 98 -23.61 31.21 -1.68
N ALA A 99 -24.08 30.53 -0.63
CA ALA A 99 -25.04 31.12 0.33
C ALA A 99 -24.51 32.44 0.96
N ASN A 100 -23.24 32.40 1.40
CA ASN A 100 -22.55 33.59 1.91
C ASN A 100 -22.38 34.68 0.84
N LEU A 101 -22.02 34.28 -0.37
CA LEU A 101 -21.98 35.25 -1.50
C LEU A 101 -23.31 36.03 -1.66
N ASP A 102 -24.41 35.27 -1.70
CA ASP A 102 -25.74 35.83 -1.90
C ASP A 102 -26.20 36.72 -0.73
N THR A 103 -25.53 36.58 0.41
CA THR A 103 -25.71 37.52 1.51
C THR A 103 -25.22 38.96 1.17
N LEU A 104 -24.27 39.09 0.23
CA LEU A 104 -23.64 40.40 -0.04
C LEU A 104 -24.46 41.26 -0.98
N MET A 105 -24.91 42.42 -0.47
CA MET A 105 -25.58 43.44 -1.29
C MET A 105 -24.68 43.90 -2.47
N THR A 106 -23.36 43.97 -2.27
CA THR A 106 -22.43 44.27 -3.38
C THR A 106 -22.38 43.18 -4.43
N TYR A 107 -22.45 41.93 -4.00
CA TYR A 107 -22.47 40.79 -4.92
C TYR A 107 -23.76 40.72 -5.78
N VAL A 108 -24.90 40.94 -5.12
CA VAL A 108 -26.23 40.62 -5.67
C VAL A 108 -26.62 41.58 -6.77
N GLN A 109 -26.32 42.87 -6.56
CA GLN A 109 -26.62 43.86 -7.58
C GLN A 109 -25.60 44.99 -7.58
N ASP A 110 -24.34 44.67 -7.24
CA ASP A 110 -23.27 45.63 -7.46
C ASP A 110 -21.98 44.97 -7.97
N GLN A 111 -22.12 44.30 -9.10
CA GLN A 111 -20.99 43.88 -9.92
C GLN A 111 -20.68 44.99 -10.90
N ASN A 112 -19.41 45.22 -11.16
CA ASN A 112 -18.97 46.28 -12.06
C ASN A 112 -17.57 45.94 -12.46
N GLU A 113 -17.27 46.16 -13.73
CA GLU A 113 -15.92 45.96 -14.22
C GLU A 113 -14.90 46.85 -13.45
N ASP A 114 -15.36 48.00 -12.96
CA ASP A 114 -14.59 48.84 -12.03
C ASP A 114 -14.69 48.21 -10.65
N CYS A 115 -13.71 47.34 -10.31
CA CYS A 115 -13.77 46.52 -9.10
C CYS A 115 -12.44 46.31 -8.38
N LEU A 116 -11.38 47.04 -8.74
CA LEU A 116 -10.08 46.86 -8.09
C LEU A 116 -9.96 47.66 -6.78
N TYR A 117 -10.58 47.09 -5.74
CA TYR A 117 -10.61 47.64 -4.38
C TYR A 117 -10.15 46.59 -3.35
N LEU A 118 -9.66 47.11 -2.24
CA LEU A 118 -9.30 46.29 -1.11
C LEU A 118 -9.93 46.81 0.17
N ASN A 119 -9.96 45.95 1.19
CA ASN A 119 -10.58 46.27 2.46
C ASN A 119 -9.59 46.03 3.59
N ILE A 120 -9.45 47.01 4.50
CA ILE A 120 -8.42 46.98 5.55
C ILE A 120 -9.09 47.00 6.94
N TYR A 121 -8.64 46.07 7.79
CA TYR A 121 -9.12 45.89 9.17
C TYR A 121 -7.93 46.14 10.08
N VAL A 122 -7.97 47.25 10.82
CA VAL A 122 -6.85 47.66 11.67
C VAL A 122 -7.28 47.51 13.13
N PRO A 123 -6.49 46.74 13.91
CA PRO A 123 -6.76 46.69 15.34
C PRO A 123 -6.56 48.06 16.01
N THR A 124 -7.44 48.40 16.94
CA THR A 124 -7.34 49.65 17.69
C THR A 124 -6.40 49.48 18.88
N GLU A 125 -6.06 48.24 19.21
CA GLU A 125 -5.11 47.93 20.27
C GLU A 125 -3.84 48.78 20.17
N ASP A 126 -3.40 49.28 21.31
CA ASP A 126 -2.26 50.21 21.47
C ASP A 126 -1.05 49.42 21.89
N ASP A 127 0.02 49.51 21.12
CA ASP A 127 1.25 48.77 21.44
C ASP A 127 2.27 49.68 22.18
N ILE A 128 2.09 49.85 23.50
CA ILE A 128 3.01 50.69 24.30
C ILE A 128 3.75 49.88 25.38
N SER A 133 5.13 50.72 17.67
CA SER A 133 5.58 49.62 16.81
C SER A 133 4.61 49.43 15.64
N LYS A 134 5.06 48.76 14.59
CA LYS A 134 4.22 48.57 13.42
C LYS A 134 3.67 47.16 13.43
N LYS A 135 2.40 47.01 13.07
CA LYS A 135 1.73 45.72 13.15
C LYS A 135 2.06 44.83 11.93
N PRO A 136 2.12 43.50 12.14
CA PRO A 136 2.14 42.61 10.98
C PRO A 136 0.88 42.76 10.15
N VAL A 137 0.99 42.44 8.86
CA VAL A 137 -0.10 42.54 7.89
C VAL A 137 -0.33 41.19 7.24
N MET A 138 -1.60 40.74 7.23
CA MET A 138 -2.03 39.52 6.54
C MET A 138 -2.97 39.86 5.39
N VAL A 139 -2.56 39.52 4.16
CA VAL A 139 -3.30 39.83 2.94
C VAL A 139 -3.93 38.57 2.36
N TYR A 140 -5.27 38.54 2.36
CA TYR A 140 -6.04 37.38 1.91
C TYR A 140 -6.45 37.43 0.43
N ILE A 141 -6.17 36.33 -0.27
CA ILE A 141 -6.54 36.10 -1.66
C ILE A 141 -7.61 35.00 -1.72
N HIS A 142 -8.84 35.41 -2.01
CA HIS A 142 -10.00 34.53 -1.98
C HIS A 142 -9.97 33.45 -3.10
N GLY A 143 -10.61 32.33 -2.80
CA GLY A 143 -10.84 31.28 -3.79
C GLY A 143 -12.11 31.49 -4.58
N GLY A 144 -12.55 30.43 -5.24
CA GLY A 144 -13.64 30.50 -6.19
C GLY A 144 -13.26 30.08 -7.61
N SER A 145 -12.26 29.21 -7.73
CA SER A 145 -11.84 28.62 -9.00
C SER A 145 -11.40 29.62 -10.08
N TYR A 146 -10.91 30.80 -9.66
CA TYR A 146 -10.53 31.90 -10.55
C TYR A 146 -11.69 32.64 -11.22
N MET A 147 -12.91 32.15 -11.02
CA MET A 147 -14.11 32.59 -11.72
C MET A 147 -15.10 33.38 -10.86
N GLU A 148 -15.12 33.09 -9.57
CA GLU A 148 -16.10 33.67 -8.64
C GLU A 148 -15.45 34.08 -7.33
N GLY A 149 -16.24 34.78 -6.51
CA GLY A 149 -15.83 35.22 -5.18
C GLY A 149 -15.53 36.70 -5.09
N THR A 150 -15.29 37.17 -3.88
CA THR A 150 -14.89 38.56 -3.64
C THR A 150 -14.23 38.59 -2.25
N GLY A 151 -13.27 39.49 -2.05
CA GLY A 151 -12.69 39.72 -0.73
C GLY A 151 -13.72 40.21 0.28
N ASN A 152 -14.74 40.93 -0.21
CA ASN A 152 -15.88 41.38 0.62
C ASN A 152 -16.58 40.28 1.40
N MET A 153 -16.46 39.02 0.97
CA MET A 153 -17.22 37.95 1.57
CA MET A 153 -17.18 37.90 1.57
C MET A 153 -16.63 37.51 2.92
N ILE A 154 -15.38 37.90 3.17
CA ILE A 154 -14.64 37.55 4.36
C ILE A 154 -14.48 38.82 5.22
N ASP A 155 -15.09 38.82 6.40
CA ASP A 155 -14.89 39.88 7.38
C ASP A 155 -13.63 39.63 8.19
N GLY A 156 -12.57 40.41 7.96
CA GLY A 156 -11.29 40.19 8.64
C GLY A 156 -11.17 40.84 10.02
N SER A 157 -12.29 41.33 10.55
CA SER A 157 -12.34 42.02 11.82
C SER A 157 -11.90 41.17 12.99
N ILE A 158 -12.42 39.95 13.09
CA ILE A 158 -12.09 39.13 14.25
CA ILE A 158 -12.08 39.10 14.24
C ILE A 158 -10.62 38.63 14.22
N LEU A 159 -10.13 38.23 13.05
CA LEU A 159 -8.74 37.79 12.94
C LEU A 159 -7.81 38.96 13.36
N ALA A 160 -8.13 40.15 12.87
CA ALA A 160 -7.37 41.35 13.18
C ALA A 160 -7.38 41.70 14.66
N SER A 161 -8.58 41.75 15.23
CA SER A 161 -8.73 42.03 16.66
C SER A 161 -8.11 40.95 17.55
N TYR A 162 -8.40 39.68 17.26
CA TYR A 162 -7.86 38.58 18.06
C TYR A 162 -6.34 38.49 17.96
N GLY A 163 -5.81 38.69 16.76
CA GLY A 163 -4.36 38.52 16.57
C GLY A 163 -3.54 39.78 16.72
N ASN A 164 -4.18 40.93 16.83
CA ASN A 164 -3.46 42.21 16.80
C ASN A 164 -2.58 42.31 15.52
N VAL A 165 -3.19 41.93 14.40
CA VAL A 165 -2.61 42.11 13.07
C VAL A 165 -3.56 42.90 12.18
N ILE A 166 -3.02 43.63 11.22
CA ILE A 166 -3.82 44.20 10.15
C ILE A 166 -4.18 43.11 9.14
N VAL A 167 -5.46 43.01 8.78
CA VAL A 167 -5.95 42.05 7.80
C VAL A 167 -6.48 42.85 6.61
N ILE A 168 -6.04 42.48 5.41
CA ILE A 168 -6.48 43.10 4.17
C ILE A 168 -7.06 42.04 3.23
N THR A 169 -8.26 42.30 2.70
CA THR A 169 -8.89 41.44 1.71
C THR A 169 -8.92 42.20 0.39
N ILE A 170 -8.69 41.47 -0.70
CA ILE A 170 -8.62 42.12 -2.00
C ILE A 170 -9.59 41.52 -3.01
N ASN A 171 -9.99 42.38 -3.92
CA ASN A 171 -10.71 41.99 -5.14
CA ASN A 171 -10.70 41.96 -5.11
C ASN A 171 -9.73 42.04 -6.26
N TYR A 172 -9.75 41.01 -7.12
CA TYR A 172 -8.92 40.95 -8.32
C TYR A 172 -9.79 40.51 -9.49
N ARG A 173 -9.38 40.80 -10.74
CA ARG A 173 -10.21 40.43 -11.88
C ARG A 173 -10.38 38.91 -12.00
N LEU A 174 -11.57 38.49 -12.40
CA LEU A 174 -11.95 37.09 -12.38
C LEU A 174 -12.27 36.59 -13.75
N GLY A 175 -12.09 35.29 -13.95
CA GLY A 175 -12.61 34.64 -15.13
C GLY A 175 -12.00 35.15 -16.43
N ILE A 176 -12.88 35.38 -17.38
CA ILE A 176 -12.52 35.92 -18.68
C ILE A 176 -11.76 37.25 -18.58
N LEU A 177 -12.30 38.18 -17.80
CA LEU A 177 -11.70 39.49 -17.63
C LEU A 177 -10.34 39.44 -16.94
N GLY A 178 -10.14 38.47 -16.05
CA GLY A 178 -8.92 38.33 -15.32
C GLY A 178 -7.85 37.47 -15.98
N PHE A 179 -8.25 36.60 -16.89
CA PHE A 179 -7.34 35.54 -17.36
C PHE A 179 -7.41 35.12 -18.81
N LEU A 180 -8.21 35.80 -19.63
CA LEU A 180 -8.24 35.49 -21.04
C LEU A 180 -6.82 35.63 -21.62
N SER A 181 -6.45 34.67 -22.45
CA SER A 181 -5.20 34.68 -23.12
C SER A 181 -5.35 33.98 -24.44
N THR A 182 -4.67 34.52 -25.44
CA THR A 182 -4.52 33.92 -26.76
C THR A 182 -3.32 32.97 -26.93
N GLY A 183 -2.44 32.86 -25.94
CA GLY A 183 -1.21 32.11 -26.13
C GLY A 183 -0.22 32.80 -27.06
N ASP A 184 -0.43 34.11 -27.30
CA ASP A 184 0.52 34.93 -28.04
C ASP A 184 0.45 36.35 -27.49
N GLN A 185 1.01 37.32 -28.21
CA GLN A 185 1.17 38.68 -27.64
C GLN A 185 -0.13 39.50 -27.54
N ALA A 186 -1.19 39.13 -28.27
CA ALA A 186 -2.44 39.91 -28.26
C ALA A 186 -3.13 39.99 -26.91
N ALA A 187 -3.07 38.90 -26.17
CA ALA A 187 -3.60 38.85 -24.83
C ALA A 187 -2.77 37.84 -24.06
N LYS A 188 -1.89 38.36 -23.21
CA LYS A 188 -0.87 37.54 -22.55
C LYS A 188 -1.36 36.92 -21.27
N GLY A 189 -2.52 37.34 -20.80
CA GLY A 189 -3.18 36.71 -19.67
C GLY A 189 -2.70 37.22 -18.34
N ASN A 190 -3.08 36.49 -17.29
CA ASN A 190 -2.63 36.71 -15.90
C ASN A 190 -3.00 38.06 -15.30
N TYR A 191 -4.03 38.70 -15.85
CA TYR A 191 -4.46 40.03 -15.35
C TYR A 191 -4.84 40.01 -13.88
N GLY A 192 -5.57 38.98 -13.45
CA GLY A 192 -5.93 38.82 -12.04
C GLY A 192 -4.74 38.67 -11.10
N LEU A 193 -3.70 37.98 -11.54
CA LEU A 193 -2.44 37.89 -10.78
C LEU A 193 -1.72 39.22 -10.69
N LEU A 194 -1.66 39.96 -11.80
CA LEU A 194 -1.06 41.29 -11.84
C LEU A 194 -1.80 42.26 -10.92
N ASP A 195 -3.11 42.10 -10.84
CA ASP A 195 -3.94 42.87 -9.90
C ASP A 195 -3.53 42.57 -8.48
N GLN A 196 -3.35 41.28 -8.18
CA GLN A 196 -2.89 40.89 -6.85
C GLN A 196 -1.55 41.51 -6.51
N ILE A 197 -0.65 41.50 -7.48
CA ILE A 197 0.67 42.10 -7.33
C ILE A 197 0.58 43.63 -7.11
N GLN A 198 -0.28 44.30 -7.87
CA GLN A 198 -0.48 45.72 -7.72
C GLN A 198 -1.11 46.08 -6.36
N ALA A 199 -2.05 45.27 -5.85
CA ALA A 199 -2.50 45.41 -4.47
C ALA A 199 -1.38 45.33 -3.44
N LEU A 200 -0.48 44.38 -3.63
CA LEU A 200 0.67 44.17 -2.73
C LEU A 200 1.66 45.30 -2.80
N ARG A 201 1.85 45.86 -4.00
CA ARG A 201 2.63 47.10 -4.15
C ARG A 201 2.02 48.29 -3.41
N TRP A 202 0.72 48.46 -3.58
CA TRP A 202 -0.02 49.51 -2.88
C TRP A 202 0.17 49.34 -1.37
N ILE A 203 -0.01 48.10 -0.90
CA ILE A 203 0.15 47.75 0.51
C ILE A 203 1.57 48.06 0.98
N GLU A 204 2.57 47.67 0.19
CA GLU A 204 3.94 47.95 0.55
C GLU A 204 4.17 49.45 0.77
N GLU A 205 3.59 50.27 -0.08
CA GLU A 205 3.84 51.71 -0.06
C GLU A 205 2.93 52.45 0.92
N ASN A 206 1.75 51.91 1.20
CA ASN A 206 0.75 52.67 1.95
C ASN A 206 0.37 52.12 3.33
N VAL A 207 0.71 50.87 3.63
CA VAL A 207 0.26 50.28 4.88
C VAL A 207 0.90 50.91 6.14
N GLY A 208 2.08 51.51 5.99
CA GLY A 208 2.71 52.25 7.09
C GLY A 208 1.83 53.36 7.62
N ALA A 209 1.07 53.99 6.73
CA ALA A 209 0.15 55.06 7.12
C ALA A 209 -1.00 54.54 8.04
N PHE A 210 -1.28 53.24 7.98
CA PHE A 210 -2.28 52.59 8.83
C PHE A 210 -1.68 51.96 10.11
N GLY A 211 -0.38 52.20 10.35
CA GLY A 211 0.34 51.58 11.46
C GLY A 211 0.85 50.17 11.16
N GLY A 212 0.91 49.83 9.87
CA GLY A 212 1.33 48.50 9.44
C GLY A 212 2.80 48.44 9.10
N ASP A 213 3.36 47.23 9.15
CA ASP A 213 4.78 46.98 8.91
C ASP A 213 4.98 46.33 7.52
N PRO A 214 5.45 47.08 6.51
CA PRO A 214 5.67 46.53 5.17
C PRO A 214 6.73 45.40 5.13
N LYS A 215 7.57 45.34 6.15
CA LYS A 215 8.58 44.31 6.33
C LYS A 215 8.04 43.07 7.01
N ARG A 216 6.75 43.06 7.32
CA ARG A 216 6.11 41.88 7.87
C ARG A 216 4.75 41.71 7.24
N VAL A 217 4.77 41.39 5.95
CA VAL A 217 3.58 41.09 5.19
C VAL A 217 3.54 39.59 4.88
N THR A 218 2.44 38.96 5.28
CA THR A 218 2.12 37.57 4.97
C THR A 218 0.95 37.55 3.98
N ILE A 219 1.09 36.82 2.87
CA ILE A 219 -0.05 36.54 1.99
C ILE A 219 -0.63 35.16 2.30
N PHE A 220 -1.95 35.03 2.14
CA PHE A 220 -2.60 33.77 2.40
C PHE A 220 -3.85 33.63 1.54
N GLY A 221 -4.26 32.38 1.32
CA GLY A 221 -5.41 32.10 0.49
C GLY A 221 -5.83 30.67 0.64
N SER A 222 -7.06 30.40 0.20
CA SER A 222 -7.66 29.07 0.21
C SER A 222 -8.17 28.70 -1.21
N GLY A 223 -8.01 27.44 -1.62
CA GLY A 223 -8.51 26.95 -2.91
C GLY A 223 -7.71 27.60 -4.02
N ALA A 224 -8.41 28.20 -4.97
CA ALA A 224 -7.79 28.95 -6.06
C ALA A 224 -6.96 30.14 -5.56
N GLY A 225 -7.33 30.69 -4.42
CA GLY A 225 -6.53 31.69 -3.74
C GLY A 225 -5.19 31.19 -3.25
N ALA A 226 -5.15 29.95 -2.79
CA ALA A 226 -3.91 29.26 -2.43
C ALA A 226 -3.02 28.97 -3.66
N SER A 227 -3.64 28.60 -4.78
CA SER A 227 -2.92 28.47 -6.05
C SER A 227 -2.30 29.79 -6.46
N CYS A 228 -3.06 30.87 -6.30
CA CYS A 228 -2.56 32.23 -6.57
C CYS A 228 -1.38 32.59 -5.68
N VAL A 229 -1.53 32.37 -4.38
CA VAL A 229 -0.45 32.55 -3.44
C VAL A 229 0.78 31.73 -3.87
N SER A 230 0.60 30.44 -4.19
CA SER A 230 1.73 29.60 -4.64
C SER A 230 2.42 30.16 -5.87
N LEU A 231 1.59 30.60 -6.84
CA LEU A 231 2.12 31.18 -8.05
C LEU A 231 2.87 32.50 -7.77
N LEU A 232 2.39 33.32 -6.85
CA LEU A 232 3.06 34.60 -6.52
C LEU A 232 4.42 34.37 -5.89
N THR A 233 4.56 33.30 -5.08
CA THR A 233 5.87 32.97 -4.52
C THR A 233 6.89 32.54 -5.58
N LEU A 234 6.42 32.22 -6.78
CA LEU A 234 7.28 31.79 -7.87
C LEU A 234 7.50 32.85 -8.94
N SER A 235 6.90 34.05 -8.79
CA SER A 235 7.04 35.11 -9.81
C SER A 235 8.03 36.17 -9.34
N HIS A 236 8.89 36.61 -10.24
CA HIS A 236 9.80 37.70 -9.95
C HIS A 236 9.08 39.02 -9.63
N TYR A 237 7.88 39.22 -10.18
CA TYR A 237 7.06 40.41 -9.86
C TYR A 237 6.71 40.55 -8.38
N SER A 238 6.70 39.45 -7.63
CA SER A 238 6.33 39.47 -6.22
C SER A 238 7.45 39.80 -5.25
N GLU A 239 8.68 39.77 -5.72
CA GLU A 239 9.85 39.91 -4.84
C GLU A 239 9.85 41.26 -4.11
N GLY A 240 10.18 41.22 -2.83
CA GLY A 240 10.11 42.41 -1.96
C GLY A 240 8.74 42.92 -1.59
N LEU A 241 7.68 42.15 -1.82
CA LEU A 241 6.34 42.62 -1.50
C LEU A 241 5.74 41.92 -0.27
N PHE A 242 6.30 40.77 0.10
CA PHE A 242 5.84 39.99 1.24
C PHE A 242 6.97 39.05 1.60
N GLN A 243 6.96 38.53 2.83
CA GLN A 243 8.05 37.68 3.31
C GLN A 243 7.59 36.29 3.71
N LYS A 244 6.27 36.09 3.84
CA LYS A 244 5.69 34.84 4.31
C LYS A 244 4.42 34.53 3.54
N ALA A 245 4.07 33.24 3.46
CA ALA A 245 2.88 32.78 2.77
C ALA A 245 2.24 31.63 3.52
N ILE A 246 0.92 31.63 3.56
CA ILE A 246 0.17 30.50 4.05
C ILE A 246 -0.74 29.99 2.96
N ILE A 247 -0.62 28.69 2.66
CA ILE A 247 -1.19 28.08 1.49
C ILE A 247 -2.17 26.96 1.89
N GLN A 248 -3.46 27.30 1.85
CA GLN A 248 -4.54 26.46 2.39
C GLN A 248 -5.26 25.73 1.29
N SER A 249 -5.06 24.43 1.19
CA SER A 249 -5.81 23.59 0.24
C SER A 249 -5.77 24.03 -1.23
N GLY A 250 -4.58 24.35 -1.70
CA GLY A 250 -4.36 24.62 -3.11
C GLY A 250 -2.88 24.69 -3.34
N THR A 251 -2.44 24.49 -4.58
CA THR A 251 -1.04 24.57 -4.96
C THR A 251 -0.93 25.04 -6.41
N ALA A 252 0.30 25.28 -6.84
CA ALA A 252 0.59 25.61 -8.24
C ALA A 252 0.71 24.39 -9.16
N LEU A 253 0.61 23.18 -8.58
CA LEU A 253 0.92 21.91 -9.28
C LEU A 253 -0.31 21.08 -9.65
N SER A 254 -1.47 21.45 -9.13
CA SER A 254 -2.72 20.73 -9.43
C SER A 254 -3.16 20.94 -10.87
N SER A 255 -4.03 20.06 -11.36
CA SER A 255 -4.47 20.07 -12.78
C SER A 255 -5.29 21.32 -13.13
N TRP A 256 -5.87 21.94 -12.11
CA TRP A 256 -6.74 23.09 -12.31
C TRP A 256 -6.07 24.42 -11.87
N ALA A 257 -4.76 24.38 -11.59
CA ALA A 257 -4.04 25.57 -11.13
C ALA A 257 -3.58 26.45 -12.28
N VAL A 258 -3.19 25.81 -13.38
CA VAL A 258 -2.70 26.48 -14.55
C VAL A 258 -3.44 26.03 -15.80
N ASN A 259 -3.68 26.97 -16.71
CA ASN A 259 -4.28 26.66 -18.00
C ASN A 259 -3.19 26.50 -19.08
N TYR A 260 -3.02 25.27 -19.57
CA TYR A 260 -2.08 24.98 -20.66
C TYR A 260 -2.67 25.09 -22.07
N GLN A 261 -3.98 25.35 -22.19
CA GLN A 261 -4.62 25.50 -23.51
C GLN A 261 -5.48 26.76 -23.59
N PRO A 262 -4.89 27.95 -23.30
CA PRO A 262 -5.66 29.18 -23.31
C PRO A 262 -6.27 29.55 -24.70
N ALA A 263 -5.51 29.36 -25.78
CA ALA A 263 -5.98 29.76 -27.12
C ALA A 263 -7.27 29.03 -27.51
N LYS A 264 -7.36 27.77 -27.15
CA LYS A 264 -8.51 26.92 -27.48
C LYS A 264 -9.81 27.47 -26.87
N TYR A 265 -9.76 27.84 -25.60
CA TYR A 265 -10.96 28.32 -24.91
C TYR A 265 -11.33 29.75 -25.28
N THR A 266 -10.33 30.58 -25.50
CA THR A 266 -10.56 31.94 -25.97
C THR A 266 -11.25 31.93 -27.33
N ARG A 267 -10.85 31.02 -28.22
CA ARG A 267 -11.48 30.87 -29.52
C ARG A 267 -12.95 30.39 -29.43
N ILE A 268 -13.21 29.44 -28.54
CA ILE A 268 -14.56 28.95 -28.29
C ILE A 268 -15.45 30.12 -27.81
N LEU A 269 -14.91 30.96 -26.91
CA LEU A 269 -15.59 32.16 -26.43
C LEU A 269 -15.91 33.13 -27.58
N ALA A 270 -14.86 33.50 -28.33
CA ALA A 270 -14.97 34.43 -29.46
C ALA A 270 -16.10 34.07 -30.44
N ASP A 271 -16.14 32.80 -30.81
CA ASP A 271 -17.17 32.27 -31.69
C ASP A 271 -18.58 32.26 -31.07
N LYS A 272 -18.68 32.13 -29.75
CA LYS A 272 -19.99 32.19 -29.10
C LYS A 272 -20.60 33.61 -29.04
N VAL A 273 -19.77 34.63 -29.32
CA VAL A 273 -20.03 36.02 -28.96
C VAL A 273 -19.95 37.00 -30.18
N GLY A 274 -19.76 36.44 -31.37
CA GLY A 274 -19.70 37.22 -32.62
C GLY A 274 -18.34 37.85 -32.95
N CYS A 275 -17.26 37.26 -32.42
CA CYS A 275 -15.88 37.61 -32.75
C CYS A 275 -15.18 36.48 -33.50
N ASN A 276 -15.72 36.12 -34.65
CA ASN A 276 -15.28 34.95 -35.40
C ASN A 276 -14.00 35.16 -36.26
N MET A 277 -13.49 36.40 -36.31
CA MET A 277 -12.27 36.72 -37.06
C MET A 277 -11.06 35.97 -36.51
N LEU A 278 -10.17 35.57 -37.42
CA LEU A 278 -9.07 34.67 -37.10
C LEU A 278 -7.88 35.44 -36.59
N ASP A 279 -7.69 36.68 -37.05
CA ASP A 279 -6.55 37.47 -36.56
C ASP A 279 -6.70 37.75 -35.06
N THR A 280 -5.72 37.27 -34.27
CA THR A 280 -5.80 37.34 -32.81
C THR A 280 -5.83 38.77 -32.23
N THR A 281 -5.13 39.70 -32.87
CA THR A 281 -5.18 41.12 -32.50
C THR A 281 -6.58 41.72 -32.71
N ASP A 282 -7.19 41.45 -33.86
CA ASP A 282 -8.54 41.93 -34.14
C ASP A 282 -9.58 41.23 -33.26
N MET A 283 -9.39 39.94 -33.04
CA MET A 283 -10.29 39.16 -32.16
C MET A 283 -10.28 39.71 -30.74
N VAL A 284 -9.09 39.96 -30.20
CA VAL A 284 -8.96 40.53 -28.86
C VAL A 284 -9.63 41.92 -28.75
N GLU A 285 -9.46 42.79 -29.76
CA GLU A 285 -10.09 44.12 -29.75
C GLU A 285 -11.63 44.04 -29.83
N CYS A 286 -12.11 43.13 -30.66
CA CYS A 286 -13.53 42.81 -30.69
C CYS A 286 -14.07 42.39 -29.30
N LEU A 287 -13.41 41.43 -28.65
CA LEU A 287 -13.78 41.02 -27.26
C LEU A 287 -13.60 42.16 -26.26
N ARG A 288 -12.59 42.99 -26.46
CA ARG A 288 -12.35 44.12 -25.58
C ARG A 288 -13.50 45.14 -25.54
N ASN A 289 -14.25 45.23 -26.64
CA ASN A 289 -15.39 46.14 -26.72
C ASN A 289 -16.76 45.46 -26.48
N LYS A 290 -16.77 44.15 -26.22
CA LYS A 290 -18.05 43.47 -25.96
C LYS A 290 -18.62 43.84 -24.61
N ASN A 291 -19.94 43.98 -24.55
CA ASN A 291 -20.62 44.20 -23.29
C ASN A 291 -20.22 43.03 -22.39
N TYR A 292 -19.85 43.31 -21.15
CA TYR A 292 -19.29 42.23 -20.32
C TYR A 292 -20.33 41.18 -19.91
N LYS A 293 -21.62 41.55 -19.84
CA LYS A 293 -22.66 40.55 -19.61
C LYS A 293 -22.59 39.44 -20.66
N GLU A 294 -22.41 39.83 -21.91
CA GLU A 294 -22.29 38.87 -23.01
C GLU A 294 -21.17 37.86 -22.73
N LEU A 295 -20.02 38.38 -22.31
CA LEU A 295 -18.85 37.55 -22.03
C LEU A 295 -19.04 36.62 -20.85
N ILE A 296 -19.43 37.14 -19.70
CA ILE A 296 -19.48 36.30 -18.50
C ILE A 296 -20.65 35.32 -18.47
N GLN A 297 -21.68 35.60 -19.26
CA GLN A 297 -22.81 34.70 -19.32
C GLN A 297 -22.52 33.43 -20.15
N GLN A 298 -21.39 33.38 -20.86
CA GLN A 298 -21.05 32.20 -21.66
C GLN A 298 -20.55 31.02 -20.82
N THR A 299 -20.87 29.82 -21.25
CA THR A 299 -20.49 28.61 -20.55
C THR A 299 -19.43 27.94 -21.41
N ILE A 300 -18.19 28.02 -20.95
CA ILE A 300 -17.07 27.43 -21.65
C ILE A 300 -16.47 26.32 -20.80
N THR A 301 -16.86 25.10 -21.14
CA THR A 301 -16.58 23.94 -20.32
C THR A 301 -15.21 23.39 -20.63
N PRO A 302 -14.31 23.42 -19.64
CA PRO A 302 -12.99 22.84 -19.90
C PRO A 302 -13.03 21.32 -19.89
N ALA A 303 -11.94 20.71 -20.34
CA ALA A 303 -11.74 19.29 -20.07
C ALA A 303 -11.80 19.06 -18.56
N THR A 304 -12.28 17.89 -18.21
CA THR A 304 -12.50 17.50 -16.82
C THR A 304 -11.25 17.65 -15.98
N TYR A 305 -11.43 18.33 -14.85
CA TYR A 305 -10.40 18.65 -13.86
C TYR A 305 -9.41 19.72 -14.31
N HIS A 306 -9.75 20.44 -15.36
CA HIS A 306 -8.92 21.53 -15.89
C HIS A 306 -9.72 22.83 -15.89
N ILE A 307 -9.07 23.91 -16.29
CA ILE A 307 -9.71 25.21 -16.31
C ILE A 307 -9.70 25.81 -17.72
N ALA A 308 -10.68 26.67 -18.00
CA ALA A 308 -10.80 27.33 -19.31
C ALA A 308 -10.19 28.71 -19.26
N PHE A 309 -10.29 29.37 -18.11
CA PHE A 309 -9.75 30.71 -17.91
C PHE A 309 -9.07 30.75 -16.59
N GLY A 310 -7.75 30.89 -16.61
CA GLY A 310 -6.97 31.02 -15.40
C GLY A 310 -5.52 31.37 -15.72
N PRO A 311 -4.64 31.25 -14.71
CA PRO A 311 -3.22 31.51 -14.91
C PRO A 311 -2.60 30.73 -16.06
N VAL A 312 -1.69 31.37 -16.78
CA VAL A 312 -0.99 30.77 -17.91
C VAL A 312 0.52 30.95 -17.71
N ILE A 313 1.31 30.07 -18.31
CA ILE A 313 2.78 30.22 -18.38
C ILE A 313 3.02 31.22 -19.51
N ASP A 314 3.21 32.49 -19.16
CA ASP A 314 3.40 33.51 -20.18
C ASP A 314 4.87 33.77 -20.53
N GLY A 315 5.81 33.27 -19.73
CA GLY A 315 7.24 33.55 -19.96
C GLY A 315 7.71 34.83 -19.29
N ASP A 316 6.87 35.46 -18.50
CA ASP A 316 7.22 36.72 -17.91
C ASP A 316 6.75 36.75 -16.46
N VAL A 317 5.44 36.84 -16.25
CA VAL A 317 4.88 36.77 -14.93
C VAL A 317 5.08 35.36 -14.32
N ILE A 318 4.83 34.33 -15.14
CA ILE A 318 5.08 32.95 -14.78
C ILE A 318 5.96 32.42 -15.87
N PRO A 319 7.30 32.47 -15.65
CA PRO A 319 8.26 32.20 -16.73
C PRO A 319 8.32 30.78 -17.24
N ASP A 320 7.91 29.82 -16.44
CA ASP A 320 8.04 28.42 -16.80
C ASP A 320 7.07 27.63 -15.95
N ASP A 321 7.07 26.34 -16.19
CA ASP A 321 6.33 25.39 -15.41
C ASP A 321 6.61 25.57 -13.92
N PRO A 322 5.54 25.67 -13.10
CA PRO A 322 5.72 25.81 -11.65
C PRO A 322 6.69 24.82 -10.99
N GLN A 323 6.64 23.55 -11.38
CA GLN A 323 7.60 22.58 -10.84
CA GLN A 323 7.62 22.55 -10.89
C GLN A 323 9.04 23.03 -11.08
N ILE A 324 9.33 23.45 -12.31
CA ILE A 324 10.65 23.96 -12.66
C ILE A 324 10.99 25.19 -11.83
N LEU A 325 10.04 26.12 -11.68
CA LEU A 325 10.31 27.34 -10.91
C LEU A 325 10.67 27.03 -9.43
N MET A 326 10.00 26.02 -8.86
CA MET A 326 10.28 25.55 -7.50
C MET A 326 11.65 24.86 -7.38
N GLU A 327 12.00 24.07 -8.37
CA GLU A 327 13.30 23.41 -8.44
C GLU A 327 14.43 24.42 -8.59
N GLN A 328 14.16 25.54 -9.27
CA GLN A 328 15.16 26.61 -9.42
C GLN A 328 15.32 27.46 -8.16
N GLY A 329 14.37 27.37 -7.24
CA GLY A 329 14.48 27.98 -5.93
C GLY A 329 13.85 29.34 -5.72
N GLU A 330 12.92 29.76 -6.59
CA GLU A 330 12.33 31.10 -6.47
C GLU A 330 11.68 31.33 -5.10
N PHE A 331 11.00 30.32 -4.56
CA PHE A 331 10.23 30.53 -3.33
C PHE A 331 10.98 30.33 -2.01
N LEU A 332 12.27 30.07 -2.10
CA LEU A 332 13.09 29.77 -0.95
C LEU A 332 13.24 30.94 0.02
N ASN A 333 13.01 32.17 -0.46
CA ASN A 333 13.19 33.33 0.42
C ASN A 333 11.96 33.66 1.24
N TYR A 334 10.88 32.90 1.04
CA TYR A 334 9.66 33.05 1.83
C TYR A 334 9.58 31.94 2.89
N ASP A 335 9.17 32.29 4.10
CA ASP A 335 8.74 31.29 5.08
C ASP A 335 7.34 30.85 4.66
N ILE A 336 7.08 29.54 4.61
CA ILE A 336 5.81 29.02 4.13
C ILE A 336 5.12 28.03 5.08
N MET A 337 3.83 28.25 5.30
CA MET A 337 2.97 27.31 6.00
CA MET A 337 2.97 27.30 5.98
C MET A 337 2.00 26.78 4.93
N LEU A 338 1.82 25.46 4.87
CA LEU A 338 0.86 24.91 3.95
C LEU A 338 0.20 23.65 4.47
N GLY A 339 -0.96 23.32 3.92
CA GLY A 339 -1.65 22.14 4.34
C GLY A 339 -2.90 21.85 3.58
N VAL A 340 -3.57 20.80 4.02
CA VAL A 340 -4.74 20.24 3.37
C VAL A 340 -5.74 19.78 4.45
N ASN A 341 -6.97 19.54 4.00
CA ASN A 341 -8.03 18.97 4.83
C ASN A 341 -8.19 17.47 4.50
N GLN A 342 -8.65 16.70 5.47
CA GLN A 342 -8.69 15.23 5.37
C GLN A 342 -9.47 14.63 4.17
N GLY A 343 -10.59 15.25 3.83
CA GLY A 343 -11.44 14.75 2.74
C GLY A 343 -11.85 15.84 1.78
N GLU A 344 -10.85 16.58 1.28
CA GLU A 344 -11.02 17.64 0.27
C GLU A 344 -11.92 17.23 -0.88
N GLY A 345 -11.73 15.98 -1.34
CA GLY A 345 -12.33 15.48 -2.57
C GLY A 345 -13.69 14.79 -2.46
N LEU A 346 -14.44 15.10 -1.41
CA LEU A 346 -15.81 14.61 -1.20
C LEU A 346 -16.74 14.58 -2.45
N LYS A 347 -16.79 15.67 -3.19
CA LYS A 347 -17.59 15.75 -4.45
C LYS A 347 -17.21 14.71 -5.54
N PHE A 348 -16.02 14.14 -5.50
CA PHE A 348 -15.63 13.08 -6.43
C PHE A 348 -16.65 11.93 -6.50
N VAL A 349 -17.34 11.65 -5.38
CA VAL A 349 -18.33 10.57 -5.33
C VAL A 349 -19.79 11.03 -5.47
N ASP A 350 -19.99 12.29 -5.87
CA ASP A 350 -21.32 12.81 -6.28
C ASP A 350 -22.00 11.85 -7.25
N GLY A 351 -23.24 11.45 -6.96
CA GLY A 351 -23.98 10.49 -7.79
C GLY A 351 -23.78 8.99 -7.44
N ILE A 352 -22.53 8.59 -7.23
CA ILE A 352 -22.24 7.16 -7.05
C ILE A 352 -22.40 6.57 -5.62
N VAL A 353 -22.84 7.38 -4.65
CA VAL A 353 -23.12 6.90 -3.28
C VAL A 353 -24.59 6.47 -3.13
N ASP A 354 -24.82 5.23 -2.68
CA ASP A 354 -26.20 4.75 -2.43
C ASP A 354 -26.74 5.21 -1.05
N ASN A 355 -27.99 4.83 -0.78
CA ASN A 355 -28.68 5.14 0.49
C ASN A 355 -28.07 4.51 1.75
N GLU A 356 -27.30 3.43 1.57
CA GLU A 356 -26.50 2.83 2.66
C GLU A 356 -25.06 3.38 2.71
N ASP A 357 -24.83 4.49 1.99
CA ASP A 357 -23.55 5.18 1.99
C ASP A 357 -22.42 4.35 1.38
N GLY A 358 -22.75 3.58 0.35
CA GLY A 358 -21.78 2.71 -0.30
C GLY A 358 -21.66 2.91 -1.79
N VAL A 359 -20.57 2.40 -2.35
CA VAL A 359 -20.30 2.45 -3.78
C VAL A 359 -20.03 1.00 -4.20
N THR A 360 -20.40 0.63 -5.42
CA THR A 360 -20.29 -0.75 -5.91
C THR A 360 -18.93 -1.00 -6.58
N PRO A 361 -18.56 -2.28 -6.75
CA PRO A 361 -17.26 -2.54 -7.44
C PRO A 361 -17.23 -1.95 -8.87
N ASN A 362 -18.39 -1.95 -9.52
CA ASN A 362 -18.59 -1.39 -10.83
C ASN A 362 -18.34 0.11 -10.88
N ASP A 363 -18.98 0.84 -9.97
CA ASP A 363 -18.78 2.29 -9.80
C ASP A 363 -17.29 2.61 -9.57
N PHE A 364 -16.66 1.89 -8.66
CA PHE A 364 -15.23 2.07 -8.37
C PHE A 364 -14.38 1.96 -9.65
N ASP A 365 -14.56 0.88 -10.41
CA ASP A 365 -13.77 0.61 -11.63
C ASP A 365 -13.93 1.69 -12.67
N PHE A 366 -15.18 2.11 -12.87
CA PHE A 366 -15.55 3.18 -13.78
C PHE A 366 -14.92 4.51 -13.37
N SER A 367 -15.07 4.84 -12.10
CA SER A 367 -14.53 6.09 -11.56
C SER A 367 -13.01 6.19 -11.71
N VAL A 368 -12.29 5.13 -11.39
CA VAL A 368 -10.82 5.07 -11.60
C VAL A 368 -10.46 5.12 -13.09
N SER A 369 -11.23 4.43 -13.91
CA SER A 369 -10.98 4.47 -15.35
C SER A 369 -11.14 5.89 -15.91
N ASN A 370 -12.22 6.56 -15.53
CA ASN A 370 -12.44 7.95 -15.92
C ASN A 370 -11.39 8.91 -15.34
N PHE A 371 -10.97 8.67 -14.10
CA PHE A 371 -9.89 9.43 -13.46
C PHE A 371 -8.61 9.41 -14.34
N VAL A 372 -8.23 8.22 -14.79
CA VAL A 372 -7.02 8.05 -15.60
C VAL A 372 -7.17 8.72 -16.95
N ASP A 373 -8.32 8.57 -17.60
CA ASP A 373 -8.58 9.24 -18.88
C ASP A 373 -8.41 10.75 -18.79
N ASN A 374 -8.90 11.31 -17.70
CA ASN A 374 -8.98 12.76 -17.53
C ASN A 374 -7.71 13.40 -17.00
N LEU A 375 -6.95 12.67 -16.17
CA LEU A 375 -5.75 13.24 -15.55
C LEU A 375 -4.42 12.78 -16.15
N TYR A 376 -4.39 11.63 -16.80
CA TYR A 376 -3.15 11.10 -17.37
C TYR A 376 -3.24 11.08 -18.89
N GLY A 377 -4.45 10.94 -19.42
CA GLY A 377 -4.68 11.04 -20.84
C GLY A 377 -4.20 9.76 -21.50
N TYR A 378 -3.06 9.84 -22.19
CA TYR A 378 -2.53 8.69 -22.94
C TYR A 378 -1.01 8.53 -22.76
N PRO A 379 -0.57 8.32 -21.50
CA PRO A 379 0.87 8.22 -21.21
C PRO A 379 1.38 6.80 -21.51
N GLU A 380 2.70 6.65 -21.63
CA GLU A 380 3.32 5.33 -21.75
C GLU A 380 2.80 4.43 -20.63
N GLY A 381 2.19 3.28 -20.99
CA GLY A 381 1.69 2.31 -20.00
C GLY A 381 0.44 2.71 -19.21
N LYS A 382 -0.59 3.14 -19.94
CA LYS A 382 -1.87 3.57 -19.34
C LYS A 382 -2.68 2.43 -18.66
N ASP A 383 -2.69 1.26 -19.30
CA ASP A 383 -3.42 0.09 -18.80
C ASP A 383 -2.79 -0.36 -17.47
N THR A 384 -1.46 -0.39 -17.44
CA THR A 384 -0.69 -0.69 -16.23
C THR A 384 -0.99 0.31 -15.12
N LEU A 385 -1.05 1.58 -15.48
CA LEU A 385 -1.33 2.65 -14.55
C LEU A 385 -2.72 2.52 -13.92
N ARG A 386 -3.74 2.32 -14.74
CA ARG A 386 -5.12 2.14 -14.27
C ARG A 386 -5.27 0.96 -13.29
N GLU A 387 -4.67 -0.16 -13.67
CA GLU A 387 -4.62 -1.37 -12.84
C GLU A 387 -3.91 -1.17 -11.50
N THR A 388 -2.74 -0.54 -11.54
CA THR A 388 -2.01 -0.20 -10.33
C THR A 388 -2.76 0.77 -9.41
N ILE A 389 -3.44 1.76 -9.98
CA ILE A 389 -4.27 2.68 -9.17
C ILE A 389 -5.42 1.93 -8.48
N LYS A 390 -6.13 1.08 -9.22
CA LYS A 390 -7.21 0.27 -8.64
C LYS A 390 -6.68 -0.57 -7.51
N PHE A 391 -5.52 -1.21 -7.72
CA PHE A 391 -4.90 -2.01 -6.68
C PHE A 391 -4.58 -1.19 -5.43
N MET A 392 -3.93 -0.04 -5.62
CA MET A 392 -3.52 0.78 -4.48
C MET A 392 -4.68 1.34 -3.68
N TYR A 393 -5.81 1.59 -4.35
CA TYR A 393 -6.98 2.17 -3.68
C TYR A 393 -8.08 1.16 -3.38
N THR A 394 -7.71 -0.12 -3.27
CA THR A 394 -8.62 -1.18 -2.80
C THR A 394 -8.17 -1.56 -1.38
N ASP A 395 -9.13 -1.76 -0.49
CA ASP A 395 -8.82 -2.23 0.86
C ASP A 395 -8.92 -3.74 0.85
N TRP A 396 -7.77 -4.40 0.70
CA TRP A 396 -7.71 -5.86 0.53
C TRP A 396 -8.03 -6.62 1.81
N ALA A 397 -7.95 -5.90 2.95
CA ALA A 397 -8.34 -6.45 4.22
C ALA A 397 -9.86 -6.43 4.44
N ASP A 398 -10.61 -5.82 3.53
CA ASP A 398 -12.07 -5.68 3.68
C ASP A 398 -12.66 -5.24 2.34
N LYS A 399 -12.46 -6.07 1.32
CA LYS A 399 -12.66 -5.66 -0.06
C LYS A 399 -14.12 -5.69 -0.52
N GLU A 400 -15.00 -6.29 0.28
CA GLU A 400 -16.42 -6.36 -0.02
C GLU A 400 -17.24 -5.24 0.62
N ASN A 401 -16.60 -4.39 1.42
CA ASN A 401 -17.30 -3.35 2.17
C ASN A 401 -17.55 -2.10 1.28
N PRO A 402 -18.83 -1.79 0.97
CA PRO A 402 -19.13 -0.68 0.03
C PRO A 402 -18.84 0.72 0.58
N GLU A 403 -18.94 0.88 1.90
CA GLU A 403 -18.69 2.17 2.56
C GLU A 403 -17.18 2.46 2.53
N THR A 404 -16.37 1.42 2.73
CA THR A 404 -14.91 1.56 2.64
C THR A 404 -14.53 1.90 1.19
N ARG A 405 -15.22 1.27 0.24
CA ARG A 405 -15.01 1.56 -1.17
C ARG A 405 -15.25 3.06 -1.51
N ARG A 406 -16.35 3.62 -0.99
CA ARG A 406 -16.63 5.07 -1.04
C ARG A 406 -15.45 5.90 -0.49
N LYS A 407 -14.96 5.54 0.70
CA LYS A 407 -13.87 6.27 1.35
C LYS A 407 -12.60 6.31 0.51
N THR A 408 -12.26 5.19 -0.13
CA THR A 408 -11.01 5.10 -0.90
C THR A 408 -11.06 5.91 -2.16
N LEU A 409 -12.28 6.14 -2.68
CA LEU A 409 -12.46 6.92 -3.90
C LEU A 409 -12.28 8.41 -3.54
N VAL A 410 -12.87 8.85 -2.44
CA VAL A 410 -12.63 10.21 -1.91
C VAL A 410 -11.12 10.41 -1.65
N ALA A 411 -10.50 9.40 -1.07
CA ALA A 411 -9.06 9.40 -0.80
C ALA A 411 -8.22 9.52 -2.07
N LEU A 412 -8.58 8.78 -3.11
CA LEU A 412 -7.90 8.85 -4.40
C LEU A 412 -7.81 10.27 -4.95
N PHE A 413 -8.95 10.94 -4.99
CA PHE A 413 -9.08 12.30 -5.51
C PHE A 413 -8.41 13.32 -4.56
N THR A 414 -8.62 13.18 -3.27
CA THR A 414 -7.94 14.00 -2.26
C THR A 414 -6.42 13.89 -2.35
N ASP A 415 -5.93 12.67 -2.44
CA ASP A 415 -4.51 12.41 -2.53
C ASP A 415 -3.89 13.01 -3.78
N HIS A 416 -4.51 12.75 -4.92
CA HIS A 416 -3.95 13.19 -6.17
C HIS A 416 -4.02 14.70 -6.37
N GLN A 417 -5.16 15.32 -6.06
CA GLN A 417 -5.38 16.72 -6.36
C GLN A 417 -4.84 17.68 -5.31
N TRP A 418 -4.75 17.23 -4.06
CA TRP A 418 -4.35 18.08 -2.95
C TRP A 418 -3.13 17.59 -2.16
N VAL A 419 -3.15 16.33 -1.71
CA VAL A 419 -2.13 15.89 -0.76
C VAL A 419 -0.74 15.77 -1.42
N ALA A 420 -0.63 14.99 -2.50
CA ALA A 420 0.67 14.81 -3.13
C ALA A 420 1.31 16.15 -3.64
N PRO A 421 0.55 17.02 -4.34
CA PRO A 421 1.12 18.32 -4.72
C PRO A 421 1.52 19.25 -3.57
N ALA A 422 0.79 19.23 -2.47
CA ALA A 422 1.19 19.95 -1.30
C ALA A 422 2.49 19.44 -0.75
N VAL A 423 2.64 18.12 -0.67
CA VAL A 423 3.86 17.52 -0.09
C VAL A 423 5.05 17.78 -1.00
N ALA A 424 4.85 17.69 -2.33
CA ALA A 424 5.89 18.02 -3.31
C ALA A 424 6.37 19.47 -3.15
N THR A 425 5.42 20.39 -3.02
CA THR A 425 5.69 21.78 -2.70
C THR A 425 6.50 21.95 -1.41
N ALA A 426 6.03 21.29 -0.34
CA ALA A 426 6.69 21.33 0.96
C ALA A 426 8.12 20.82 0.88
N ASP A 427 8.31 19.69 0.19
CA ASP A 427 9.63 19.08 0.00
C ASP A 427 10.59 19.99 -0.80
N LEU A 428 10.10 20.57 -1.89
CA LEU A 428 10.90 21.50 -2.70
C LEU A 428 11.25 22.75 -1.91
N HIS A 429 10.34 23.21 -1.07
CA HIS A 429 10.61 24.40 -0.24
C HIS A 429 11.54 24.15 0.94
N ALA A 430 11.42 22.99 1.58
CA ALA A 430 12.18 22.71 2.80
C ALA A 430 13.57 22.12 2.54
N GLN A 431 13.91 21.76 1.30
CA GLN A 431 15.10 20.94 1.03
C GLN A 431 16.45 21.60 1.36
N TYR A 432 16.51 22.93 1.53
CA TYR A 432 17.79 23.58 1.98
C TYR A 432 17.69 24.37 3.28
N GLY A 433 16.73 24.07 4.13
CA GLY A 433 16.63 24.74 5.44
C GLY A 433 15.69 25.97 5.49
N SER A 434 14.97 26.27 4.43
CA SER A 434 13.98 27.37 4.49
C SER A 434 12.80 26.99 5.35
N PRO A 435 12.38 27.88 6.29
CA PRO A 435 11.30 27.49 7.19
C PRO A 435 9.99 27.08 6.46
N THR A 436 9.51 25.89 6.85
CA THR A 436 8.36 25.25 6.23
C THR A 436 7.55 24.56 7.33
N TYR A 437 6.23 24.75 7.31
CA TYR A 437 5.33 24.14 8.29
C TYR A 437 4.18 23.47 7.51
N PHE A 438 3.86 22.24 7.86
CA PHE A 438 2.81 21.48 7.16
C PHE A 438 1.73 21.11 8.17
N TYR A 439 0.47 21.20 7.76
CA TYR A 439 -0.67 20.76 8.57
C TYR A 439 -1.63 19.86 7.74
N ALA A 440 -2.30 18.95 8.43
CA ALA A 440 -3.51 18.29 7.96
C ALA A 440 -4.66 18.63 8.92
N PHE A 441 -5.76 19.12 8.35
CA PHE A 441 -6.90 19.65 9.10
C PHE A 441 -8.04 18.63 9.14
N TYR A 442 -8.42 18.25 10.36
CA TYR A 442 -9.35 17.16 10.58
C TYR A 442 -10.71 17.55 11.16
N HIS A 443 -10.98 18.82 11.42
CA HIS A 443 -12.27 19.21 11.99
C HIS A 443 -13.17 19.92 10.98
N HIS A 444 -14.47 19.75 11.13
CA HIS A 444 -15.45 20.55 10.41
C HIS A 444 -16.64 20.85 11.31
N CYS A 445 -17.27 21.99 11.07
CA CYS A 445 -18.45 22.42 11.80
C CYS A 445 -19.64 21.56 11.39
N GLN A 446 -20.61 21.43 12.29
CA GLN A 446 -21.91 20.77 12.02
C GLN A 446 -22.68 21.54 10.94
N SER A 447 -22.99 20.88 9.81
CA SER A 447 -23.81 21.46 8.72
C SER A 447 -24.78 20.43 8.14
N GLU A 448 -26.08 20.76 8.19
CA GLU A 448 -27.15 19.85 7.75
C GLU A 448 -27.04 19.39 6.29
N MET A 449 -26.41 20.19 5.45
CA MET A 449 -26.21 19.87 4.03
C MET A 449 -25.17 18.74 3.86
N LYS A 450 -24.17 18.70 4.73
CA LYS A 450 -23.10 17.68 4.70
C LYS A 450 -23.62 16.27 5.03
N PRO A 451 -23.12 15.25 4.30
CA PRO A 451 -23.43 13.86 4.69
C PRO A 451 -22.72 13.46 5.99
N SER A 452 -23.37 12.57 6.76
CA SER A 452 -22.90 12.13 8.08
C SER A 452 -21.50 11.54 8.04
N TRP A 453 -21.26 10.72 7.02
CA TRP A 453 -20.00 9.99 6.85
C TRP A 453 -18.80 10.82 6.34
N ALA A 454 -19.00 12.11 6.06
CA ALA A 454 -17.98 12.94 5.45
C ALA A 454 -16.97 13.51 6.44
N ASP A 455 -15.69 13.48 6.05
CA ASP A 455 -14.59 14.10 6.78
C ASP A 455 -14.48 15.60 6.46
N SER A 456 -13.48 16.25 7.04
CA SER A 456 -13.20 17.63 6.70
C SER A 456 -13.03 17.76 5.17
N ALA A 457 -13.84 18.66 4.60
CA ALA A 457 -13.93 18.86 3.16
C ALA A 457 -13.30 20.17 2.71
N HIS A 458 -13.33 20.38 1.40
CA HIS A 458 -12.72 21.53 0.77
C HIS A 458 -13.37 22.85 1.21
N GLY A 459 -12.57 23.73 1.83
CA GLY A 459 -13.05 25.00 2.42
C GLY A 459 -13.38 25.00 3.92
N ASP A 460 -13.29 23.85 4.60
CA ASP A 460 -13.76 23.73 6.00
C ASP A 460 -12.82 24.28 7.09
N GLU A 461 -11.57 24.61 6.74
CA GLU A 461 -10.66 25.31 7.67
C GLU A 461 -10.98 26.82 7.76
N VAL A 462 -11.61 27.38 6.72
CA VAL A 462 -11.85 28.83 6.58
C VAL A 462 -12.59 29.49 7.78
N PRO A 463 -13.69 28.86 8.27
CA PRO A 463 -14.32 29.45 9.48
C PRO A 463 -13.41 29.57 10.70
N TYR A 464 -12.45 28.66 10.85
CA TYR A 464 -11.55 28.66 11.97
C TYR A 464 -10.47 29.71 11.82
N VAL A 465 -9.92 29.82 10.62
CA VAL A 465 -8.91 30.83 10.29
C VAL A 465 -9.41 32.27 10.57
N PHE A 466 -10.67 32.55 10.25
CA PHE A 466 -11.25 33.89 10.37
C PHE A 466 -12.09 34.12 11.63
N GLY A 467 -12.11 33.15 12.53
CA GLY A 467 -12.70 33.32 13.86
C GLY A 467 -14.20 33.47 13.87
N ILE A 468 -14.83 32.84 12.89
CA ILE A 468 -16.28 32.95 12.72
C ILE A 468 -17.09 32.41 13.90
N PRO A 469 -16.61 31.35 14.57
CA PRO A 469 -17.26 30.89 15.82
C PRO A 469 -17.37 31.98 16.91
N MET A 470 -16.49 32.98 16.86
CA MET A 470 -16.52 34.04 17.88
C MET A 470 -17.47 35.18 17.57
N ILE A 471 -17.92 35.29 16.32
CA ILE A 471 -18.74 36.41 15.83
C ILE A 471 -19.97 36.58 16.67
N GLY A 472 -20.64 35.47 16.95
CA GLY A 472 -21.73 35.52 17.90
C GLY A 472 -22.71 34.40 17.71
N PRO A 473 -23.48 34.45 16.60
CA PRO A 473 -24.52 33.43 16.43
C PRO A 473 -23.92 32.02 16.22
N THR A 474 -24.59 31.02 16.78
CA THR A 474 -24.23 29.62 16.58
C THR A 474 -24.47 29.22 15.12
N GLU A 475 -25.49 29.83 14.49
CA GLU A 475 -25.92 29.48 13.13
C GLU A 475 -25.53 30.57 12.10
N LEU A 476 -24.34 30.41 11.52
CA LEU A 476 -23.81 31.34 10.53
C LEU A 476 -22.89 30.56 9.59
N PHE A 477 -22.73 31.04 8.35
CA PHE A 477 -21.70 30.50 7.47
C PHE A 477 -21.97 29.02 7.13
N SER A 478 -23.25 28.65 7.09
CA SER A 478 -23.68 27.26 6.86
C SER A 478 -23.14 26.30 7.96
N CYS A 479 -23.03 26.81 9.20
CA CYS A 479 -22.53 26.03 10.34
C CYS A 479 -23.40 26.20 11.56
N ASN A 480 -23.25 25.29 12.51
CA ASN A 480 -23.82 25.41 13.84
C ASN A 480 -22.75 25.20 14.91
N PHE A 481 -22.17 26.30 15.40
CA PHE A 481 -20.92 26.22 16.17
C PHE A 481 -21.09 25.79 17.61
N SER A 482 -20.09 25.06 18.12
CA SER A 482 -20.02 24.65 19.50
C SER A 482 -18.86 25.37 20.20
N LYS A 483 -18.76 25.13 21.50
CA LYS A 483 -17.71 25.71 22.33
C LYS A 483 -16.35 25.14 21.95
N ASN A 484 -16.33 23.90 21.48
CA ASN A 484 -15.12 23.29 20.93
C ASN A 484 -14.64 24.00 19.67
N ASP A 485 -15.58 24.43 18.83
CA ASP A 485 -15.30 25.20 17.62
C ASP A 485 -14.66 26.55 17.94
N VAL A 486 -15.16 27.21 18.98
CA VAL A 486 -14.62 28.48 19.46
C VAL A 486 -13.16 28.27 19.90
N MET A 487 -12.91 27.24 20.71
CA MET A 487 -11.56 26.90 21.17
C MET A 487 -10.60 26.60 20.00
N LEU A 488 -11.06 25.80 19.04
CA LEU A 488 -10.26 25.44 17.88
C LEU A 488 -9.97 26.67 17.00
N SER A 489 -10.95 27.54 16.84
CA SER A 489 -10.68 28.79 16.11
C SER A 489 -9.56 29.60 16.77
N ALA A 490 -9.56 29.68 18.10
CA ALA A 490 -8.55 30.43 18.84
C ALA A 490 -7.16 29.80 18.66
N VAL A 491 -7.10 28.48 18.73
CA VAL A 491 -5.87 27.74 18.46
C VAL A 491 -5.37 28.06 17.03
N VAL A 492 -6.24 27.98 16.05
CA VAL A 492 -5.85 28.24 14.69
C VAL A 492 -5.38 29.68 14.45
N MET A 493 -6.14 30.66 14.94
CA MET A 493 -5.79 32.04 14.76
C MET A 493 -4.47 32.41 15.47
N THR A 494 -4.21 31.80 16.62
CA THR A 494 -2.93 31.97 17.33
C THR A 494 -1.77 31.46 16.50
N TYR A 495 -1.84 30.24 15.97
CA TYR A 495 -0.80 29.74 15.07
C TYR A 495 -0.59 30.64 13.86
N TRP A 496 -1.68 30.97 13.19
CA TRP A 496 -1.64 31.79 11.96
C TRP A 496 -1.03 33.17 12.21
N THR A 497 -1.45 33.84 13.28
CA THR A 497 -0.94 35.18 13.58
C THR A 497 0.47 35.18 14.21
N ASN A 498 0.79 34.18 15.04
CA ASN A 498 2.15 33.95 15.46
C ASN A 498 3.10 33.81 14.29
N PHE A 499 2.73 32.99 13.31
CA PHE A 499 3.46 32.88 12.05
C PHE A 499 3.70 34.22 11.36
N ALA A 500 2.63 35.00 11.23
CA ALA A 500 2.73 36.37 10.68
C ALA A 500 3.69 37.29 11.45
N LYS A 501 3.73 37.14 12.78
CA LYS A 501 4.52 37.99 13.64
C LYS A 501 5.99 37.62 13.62
N THR A 502 6.30 36.32 13.61
CA THR A 502 7.67 35.84 13.82
C THR A 502 8.21 34.86 12.79
N GLY A 503 7.34 34.25 11.99
CA GLY A 503 7.73 33.18 11.07
C GLY A 503 7.72 31.81 11.73
N ASP A 504 7.25 31.77 12.97
CA ASP A 504 7.17 30.56 13.79
C ASP A 504 5.78 30.55 14.41
N PRO A 505 4.94 29.54 14.07
CA PRO A 505 3.57 29.52 14.64
C PRO A 505 3.48 29.33 16.17
N ASN A 506 4.61 29.04 16.81
CA ASN A 506 4.70 28.90 18.26
C ASN A 506 5.09 30.18 18.99
N GLN A 507 5.54 31.20 18.25
CA GLN A 507 6.04 32.43 18.87
C GLN A 507 5.28 33.65 18.34
N PRO A 508 4.97 34.60 19.23
CA PRO A 508 5.32 34.63 20.64
C PRO A 508 4.20 34.18 21.56
N VAL A 509 2.97 34.02 21.05
CA VAL A 509 1.79 33.79 21.90
C VAL A 509 1.51 32.31 22.19
N PRO A 510 1.50 31.95 23.49
CA PRO A 510 1.07 30.60 23.84
C PRO A 510 -0.47 30.54 23.96
N VAL A 526 0.14 23.28 21.61
CA VAL A 526 1.17 22.27 21.30
C VAL A 526 2.17 22.79 20.28
N ALA A 527 3.43 22.41 20.46
CA ALA A 527 4.54 22.83 19.61
C ALA A 527 4.38 22.28 18.19
N TRP A 528 4.27 23.17 17.22
CA TRP A 528 4.20 22.80 15.81
C TRP A 528 5.61 22.77 15.24
N SER A 529 6.16 21.57 15.09
CA SER A 529 7.53 21.41 14.61
C SER A 529 7.66 21.74 13.10
N ARG A 530 8.84 22.24 12.72
CA ARG A 530 9.18 22.42 11.32
C ARG A 530 9.13 21.13 10.47
N TYR A 531 8.64 21.31 9.25
CA TYR A 531 8.65 20.28 8.23
C TYR A 531 9.99 20.24 7.49
N ASN A 532 10.54 19.05 7.38
CA ASN A 532 11.63 18.77 6.43
C ASN A 532 11.38 17.42 5.71
N PRO A 533 12.00 17.22 4.51
CA PRO A 533 11.70 16.00 3.75
C PRO A 533 12.15 14.68 4.42
N LYS A 534 13.04 14.76 5.42
CA LYS A 534 13.53 13.59 6.13
C LYS A 534 12.57 13.11 7.24
N ASP A 535 12.33 13.95 8.24
CA ASP A 535 11.44 13.58 9.33
C ASP A 535 9.96 13.81 9.01
N GLN A 536 9.68 14.75 8.11
CA GLN A 536 8.32 15.01 7.59
C GLN A 536 7.26 15.20 8.67
N LEU A 537 7.58 16.00 9.67
CA LEU A 537 6.67 16.27 10.78
C LEU A 537 5.64 17.27 10.31
N TYR A 538 4.40 17.04 10.73
CA TYR A 538 3.25 17.88 10.34
C TYR A 538 2.32 18.00 11.56
N LEU A 539 1.53 19.08 11.63
CA LEU A 539 0.52 19.24 12.68
C LEU A 539 -0.84 18.69 12.25
N HIS A 540 -1.31 17.67 12.98
CA HIS A 540 -2.69 17.22 12.88
C HIS A 540 -3.52 18.25 13.62
N ILE A 541 -4.32 19.03 12.89
CA ILE A 541 -5.15 20.06 13.52
C ILE A 541 -6.58 19.54 13.66
N GLY A 542 -7.01 19.40 14.91
CA GLY A 542 -8.40 19.09 15.23
C GLY A 542 -8.67 19.47 16.68
N LEU A 543 -9.66 18.84 17.30
CA LEU A 543 -9.97 19.11 18.71
C LEU A 543 -8.81 18.68 19.60
N LYS A 544 -8.03 17.70 19.13
CA LYS A 544 -6.81 17.25 19.78
C LYS A 544 -5.58 17.50 18.91
N PRO A 545 -5.06 18.74 18.88
CA PRO A 545 -3.90 19.00 18.02
C PRO A 545 -2.67 18.20 18.44
N ARG A 546 -1.96 17.65 17.46
CA ARG A 546 -0.82 16.77 17.72
CA ARG A 546 -0.78 16.84 17.74
C ARG A 546 0.10 16.68 16.52
N VAL A 547 1.41 16.63 16.79
CA VAL A 547 2.41 16.47 15.75
C VAL A 547 2.48 14.99 15.39
N ARG A 548 2.42 14.70 14.10
CA ARG A 548 2.60 13.36 13.58
C ARG A 548 3.68 13.44 12.48
N ASP A 549 3.95 12.33 11.79
CA ASP A 549 4.95 12.33 10.73
C ASP A 549 4.51 11.56 9.48
N HIS A 550 5.12 11.92 8.36
CA HIS A 550 4.95 11.20 7.08
C HIS A 550 3.48 11.04 6.69
N TYR A 551 2.78 12.16 6.50
CA TYR A 551 1.35 12.12 6.22
C TYR A 551 1.07 11.32 4.95
N ARG A 552 0.25 10.27 5.08
CA ARG A 552 -0.15 9.40 3.95
C ARG A 552 1.06 9.06 3.06
N ALA A 553 2.14 8.65 3.72
CA ALA A 553 3.46 8.53 3.09
C ALA A 553 3.49 7.59 1.90
N THR A 554 2.80 6.47 2.02
CA THR A 554 2.79 5.48 0.96
C THR A 554 2.03 5.97 -0.27
N LYS A 555 0.86 6.56 -0.08
CA LYS A 555 0.07 7.06 -1.21
C LYS A 555 0.78 8.25 -1.89
N VAL A 556 1.42 9.09 -1.11
CA VAL A 556 2.15 10.24 -1.63
C VAL A 556 3.36 9.78 -2.44
N ALA A 557 4.11 8.82 -1.90
CA ALA A 557 5.22 8.20 -2.62
C ALA A 557 4.75 7.52 -3.91
N PHE A 558 3.57 6.93 -3.88
CA PHE A 558 2.98 6.36 -5.09
C PHE A 558 2.85 7.42 -6.21
N TRP A 559 2.17 8.51 -5.89
CA TRP A 559 1.98 9.59 -6.84
C TRP A 559 3.23 10.37 -7.21
N LEU A 560 4.17 10.56 -6.28
CA LEU A 560 5.33 11.41 -6.57
C LEU A 560 6.51 10.63 -7.12
N GLU A 561 6.61 9.34 -6.81
CA GLU A 561 7.78 8.54 -7.20
C GLU A 561 7.45 7.42 -8.18
N LEU A 562 6.54 6.52 -7.85
CA LEU A 562 6.27 5.40 -8.74
C LEU A 562 5.60 5.85 -10.03
N VAL A 563 4.54 6.65 -9.94
CA VAL A 563 3.71 6.94 -11.11
C VAL A 563 4.49 7.63 -12.22
N PRO A 564 5.27 8.66 -11.89
CA PRO A 564 6.05 9.28 -12.96
C PRO A 564 7.00 8.35 -13.73
N HIS A 565 6.92 7.02 -13.51
CA HIS A 565 7.60 5.99 -14.36
C HIS A 565 6.66 5.00 -15.09
N LEU A 566 5.47 4.77 -14.53
CA LEU A 566 4.36 4.07 -15.21
C LEU A 566 3.83 4.91 -16.38
N ALA B 11 8.19 -63.42 23.26
CA ALA B 11 8.16 -62.28 24.24
C ALA B 11 7.42 -61.08 23.66
N ALA B 12 6.67 -60.37 24.51
CA ALA B 12 5.85 -59.21 24.10
C ALA B 12 6.69 -57.99 23.63
N GLN B 13 7.99 -58.03 23.90
CA GLN B 13 8.94 -57.03 23.46
C GLN B 13 9.09 -56.98 21.93
N TYR B 14 8.64 -58.05 21.26
CA TYR B 14 8.76 -58.23 19.82
C TYR B 14 7.41 -58.63 19.20
N PRO B 15 6.52 -57.65 19.00
CA PRO B 15 5.19 -57.93 18.47
C PRO B 15 5.27 -58.41 17.02
N VAL B 16 4.44 -59.38 16.68
CA VAL B 16 4.39 -59.90 15.31
C VAL B 16 3.05 -59.53 14.74
N VAL B 17 3.05 -59.00 13.51
CA VAL B 17 1.81 -58.65 12.80
C VAL B 17 1.77 -59.36 11.44
N ASN B 18 0.63 -59.94 11.09
CA ASN B 18 0.49 -60.59 9.79
CA ASN B 18 0.42 -60.61 9.81
C ASN B 18 0.02 -59.58 8.76
N THR B 19 0.89 -59.30 7.80
CA THR B 19 0.54 -58.45 6.67
C THR B 19 0.03 -59.36 5.55
N ASN B 20 -0.51 -58.76 4.47
CA ASN B 20 -0.93 -59.52 3.28
C ASN B 20 0.23 -60.20 2.56
N TYR B 21 1.46 -59.78 2.87
CA TYR B 21 2.65 -60.33 2.24
C TYR B 21 3.41 -61.32 3.13
N GLY B 22 2.95 -61.46 4.38
CA GLY B 22 3.65 -62.28 5.37
C GLY B 22 3.78 -61.57 6.70
N LYS B 23 4.32 -62.29 7.69
CA LYS B 23 4.41 -61.82 9.08
C LYS B 23 5.65 -61.00 9.30
N ILE B 24 5.53 -59.93 10.08
CA ILE B 24 6.67 -59.10 10.46
C ILE B 24 6.82 -58.97 11.96
N ARG B 25 8.08 -58.88 12.40
CA ARG B 25 8.44 -58.69 13.81
C ARG B 25 8.96 -57.27 14.05
N GLY B 26 8.32 -56.56 14.97
CA GLY B 26 8.77 -55.26 15.38
C GLY B 26 9.25 -55.25 16.81
N LEU B 27 9.28 -54.06 17.41
CA LEU B 27 9.68 -53.93 18.80
C LEU B 27 8.82 -52.96 19.57
N ARG B 28 8.48 -53.35 20.79
CA ARG B 28 7.71 -52.55 21.70
C ARG B 28 8.69 -51.66 22.44
N THR B 29 8.61 -50.36 22.15
CA THR B 29 9.58 -49.39 22.64
C THR B 29 8.95 -48.51 23.74
N PRO B 30 9.51 -48.56 24.98
CA PRO B 30 9.15 -47.55 25.98
C PRO B 30 9.56 -46.13 25.55
N LEU B 31 8.79 -45.13 26.00
CA LEU B 31 9.13 -43.73 25.78
C LEU B 31 9.69 -43.17 27.09
N PRO B 32 10.72 -42.29 27.02
CA PRO B 32 11.36 -41.75 28.25
C PRO B 32 10.35 -41.32 29.34
N ASN B 33 9.26 -40.71 28.88
CA ASN B 33 8.10 -40.30 29.69
C ASN B 33 7.16 -41.49 30.00
N GLU B 34 6.91 -41.74 31.29
CA GLU B 34 6.07 -42.87 31.72
C GLU B 34 4.55 -42.66 31.51
N ILE B 35 4.07 -41.42 31.50
CA ILE B 35 2.64 -41.13 31.22
C ILE B 35 2.34 -40.95 29.71
N LEU B 36 3.34 -41.20 28.87
CA LEU B 36 3.13 -41.44 27.45
C LEU B 36 3.28 -42.95 27.29
N GLY B 37 2.32 -43.58 26.62
CA GLY B 37 2.29 -45.05 26.52
C GLY B 37 3.43 -45.59 25.65
N PRO B 38 3.72 -46.90 25.78
CA PRO B 38 4.68 -47.49 24.85
C PRO B 38 4.15 -47.49 23.41
N VAL B 39 5.07 -47.68 22.48
CA VAL B 39 4.78 -47.66 21.08
C VAL B 39 5.41 -48.89 20.47
N GLU B 40 4.67 -49.52 19.57
CA GLU B 40 5.20 -50.60 18.78
C GLU B 40 5.76 -50.00 17.52
N GLN B 41 7.01 -50.35 17.20
CA GLN B 41 7.70 -49.84 16.03
C GLN B 41 7.98 -50.96 15.04
N TYR B 42 7.59 -50.75 13.78
CA TYR B 42 7.91 -51.64 12.68
C TYR B 42 8.67 -50.85 11.63
N LEU B 43 9.97 -51.10 11.55
CA LEU B 43 10.90 -50.26 10.83
C LEU B 43 11.45 -51.01 9.64
N GLY B 44 11.53 -50.33 8.50
CA GLY B 44 12.03 -50.94 7.28
C GLY B 44 11.07 -51.96 6.70
N VAL B 45 9.78 -51.63 6.67
CA VAL B 45 8.77 -52.50 6.08
C VAL B 45 8.74 -52.31 4.56
N PRO B 46 8.98 -53.38 3.78
CA PRO B 46 8.94 -53.18 2.31
C PRO B 46 7.53 -52.91 1.82
N TYR B 47 7.34 -51.86 1.03
CA TYR B 47 6.00 -51.57 0.51
C TYR B 47 5.92 -51.73 -0.99
N ALA B 48 7.05 -52.05 -1.63
CA ALA B 48 7.15 -52.20 -3.07
C ALA B 48 8.36 -53.08 -3.36
N SER B 49 8.45 -53.63 -4.57
CA SER B 49 9.65 -54.34 -5.01
C SER B 49 10.82 -53.36 -5.22
N PRO B 50 12.06 -53.83 -5.05
CA PRO B 50 13.19 -52.93 -5.30
C PRO B 50 13.13 -52.34 -6.71
N PRO B 51 13.23 -51.00 -6.84
CA PRO B 51 13.19 -50.37 -8.17
C PRO B 51 14.55 -50.42 -8.92
N THR B 52 15.09 -51.62 -9.07
CA THR B 52 16.45 -51.83 -9.55
C THR B 52 16.48 -52.55 -10.90
N GLY B 53 17.62 -52.47 -11.58
CA GLY B 53 17.76 -53.15 -12.87
C GLY B 53 16.84 -52.53 -13.90
N GLU B 54 16.02 -53.36 -14.55
CA GLU B 54 15.06 -52.88 -15.53
C GLU B 54 13.93 -52.04 -14.91
N ARG B 55 13.79 -52.09 -13.58
CA ARG B 55 12.77 -51.27 -12.89
C ARG B 55 13.26 -49.90 -12.42
N ARG B 56 14.52 -49.56 -12.66
CA ARG B 56 14.96 -48.19 -12.57
C ARG B 56 14.19 -47.43 -13.63
N PHE B 57 13.70 -46.23 -13.26
CA PHE B 57 12.88 -45.39 -14.10
C PHE B 57 11.60 -46.10 -14.58
N GLN B 58 11.04 -46.95 -13.72
CA GLN B 58 9.71 -47.53 -13.97
C GLN B 58 8.86 -47.34 -12.73
N PRO B 59 7.52 -47.35 -12.90
CA PRO B 59 6.66 -47.30 -11.73
C PRO B 59 6.99 -48.45 -10.74
N PRO B 60 6.68 -48.23 -9.45
CA PRO B 60 6.92 -49.27 -8.43
C PRO B 60 5.97 -50.46 -8.62
N GLU B 61 6.45 -51.68 -8.36
CA GLU B 61 5.60 -52.86 -8.33
C GLU B 61 5.36 -53.25 -6.88
N PRO B 62 4.31 -54.04 -6.62
CA PRO B 62 4.10 -54.53 -5.25
C PRO B 62 5.28 -55.35 -4.73
N PRO B 63 5.43 -55.41 -3.39
CA PRO B 63 6.51 -56.24 -2.87
C PRO B 63 6.23 -57.75 -3.03
N SER B 64 7.28 -58.55 -2.90
CA SER B 64 7.17 -59.98 -2.85
C SER B 64 6.68 -60.45 -1.48
N SER B 65 5.85 -61.48 -1.50
CA SER B 65 5.48 -62.23 -0.30
C SER B 65 6.66 -63.05 0.21
N TRP B 66 6.58 -63.43 1.48
CA TRP B 66 7.59 -64.29 2.10
C TRP B 66 6.92 -65.21 3.11
N THR B 67 7.67 -66.25 3.44
CA THR B 67 7.30 -67.27 4.40
C THR B 67 7.99 -66.99 5.73
N GLY B 68 7.41 -67.46 6.82
CA GLY B 68 7.98 -67.25 8.15
C GLY B 68 7.81 -65.80 8.62
N ILE B 69 8.72 -65.39 9.50
CA ILE B 69 8.65 -64.09 10.12
C ILE B 69 9.86 -63.26 9.71
N ARG B 70 9.59 -62.13 9.07
CA ARG B 70 10.57 -61.16 8.62
C ARG B 70 10.74 -60.07 9.68
N ASN B 71 11.99 -59.80 10.10
CA ASN B 71 12.26 -58.72 11.06
C ASN B 71 12.08 -57.34 10.44
N THR B 72 11.32 -56.49 11.11
CA THR B 72 11.24 -55.08 10.80
C THR B 72 11.62 -54.33 12.07
N THR B 73 12.90 -54.43 12.40
CA THR B 73 13.42 -54.04 13.71
C THR B 73 14.43 -52.91 13.62
N GLN B 74 14.82 -52.53 12.41
CA GLN B 74 15.74 -51.42 12.21
C GLN B 74 15.51 -50.81 10.84
N PHE B 75 15.93 -49.56 10.69
CA PHE B 75 15.71 -48.82 9.46
C PHE B 75 16.39 -49.52 8.30
N ALA B 76 15.71 -49.53 7.16
CA ALA B 76 16.31 -49.99 5.91
C ALA B 76 17.23 -48.91 5.34
N ALA B 77 18.01 -49.25 4.32
CA ALA B 77 18.88 -48.29 3.64
C ALA B 77 18.06 -47.18 2.96
N VAL B 78 18.58 -45.95 2.97
CA VAL B 78 17.85 -44.80 2.42
C VAL B 78 18.10 -44.69 0.92
N CYS B 79 17.30 -43.87 0.23
CA CYS B 79 17.47 -43.73 -1.21
C CYS B 79 18.74 -42.94 -1.51
N PRO B 80 19.44 -43.30 -2.60
CA PRO B 80 20.66 -42.59 -2.93
C PRO B 80 20.46 -41.06 -3.06
N GLN B 81 21.46 -40.35 -2.53
CA GLN B 81 21.47 -38.90 -2.44
C GLN B 81 22.89 -38.41 -2.11
N HIS B 82 23.29 -37.29 -2.69
CA HIS B 82 24.57 -36.60 -2.37
C HIS B 82 24.31 -35.34 -1.53
N LEU B 83 25.09 -35.10 -0.48
CA LEU B 83 24.96 -33.84 0.30
C LEU B 83 25.97 -32.77 -0.12
N ASP B 84 25.46 -31.71 -0.76
CA ASP B 84 26.28 -30.74 -1.50
C ASP B 84 26.05 -29.31 -0.97
N GLU B 85 27.09 -28.71 -0.39
CA GLU B 85 26.98 -27.36 0.18
C GLU B 85 27.10 -26.22 -0.86
N ARG B 86 27.39 -26.55 -2.12
CA ARG B 86 27.37 -25.55 -3.19
C ARG B 86 25.95 -25.29 -3.70
N SER B 87 25.03 -26.19 -3.35
CA SER B 87 23.63 -26.09 -3.77
C SER B 87 22.83 -25.05 -2.97
N LEU B 88 21.94 -24.33 -3.68
CA LEU B 88 20.95 -23.44 -3.04
C LEU B 88 19.75 -24.23 -2.50
N LEU B 89 19.40 -25.33 -3.17
CA LEU B 89 18.38 -26.27 -2.66
C LEU B 89 18.86 -26.97 -1.38
N HIS B 90 20.17 -26.92 -1.14
CA HIS B 90 20.75 -27.36 0.13
C HIS B 90 20.75 -26.24 1.18
N ASP B 91 21.16 -25.04 0.79
CA ASP B 91 21.12 -23.87 1.69
C ASP B 91 19.67 -23.55 2.15
N MET B 92 18.70 -23.95 1.32
CA MET B 92 17.27 -23.81 1.61
C MET B 92 16.73 -24.68 2.77
N LEU B 93 17.38 -25.83 3.00
CA LEU B 93 16.85 -26.83 3.93
C LEU B 93 16.87 -26.29 5.38
N PRO B 94 15.95 -26.79 6.22
CA PRO B 94 15.85 -26.36 7.64
C PRO B 94 17.15 -26.41 8.45
N ILE B 95 17.26 -25.51 9.43
CA ILE B 95 18.45 -25.39 10.29
C ILE B 95 18.80 -26.73 10.95
N TRP B 96 17.77 -27.47 11.33
CA TRP B 96 17.93 -28.79 11.93
C TRP B 96 18.32 -29.85 10.88
N PHE B 97 17.79 -29.72 9.66
CA PHE B 97 17.94 -30.72 8.57
C PHE B 97 19.43 -30.98 8.28
N THR B 98 20.09 -30.04 7.59
CA THR B 98 21.45 -30.26 7.05
C THR B 98 22.52 -29.31 7.61
N ALA B 99 22.11 -28.14 8.11
CA ALA B 99 23.07 -27.23 8.77
C ALA B 99 23.87 -27.95 9.89
N ASN B 100 23.23 -28.91 10.55
CA ASN B 100 23.93 -29.94 11.34
C ASN B 100 24.36 -31.06 10.40
N LEU B 101 25.67 -31.24 10.20
CA LEU B 101 26.20 -32.11 9.13
C LEU B 101 26.42 -33.56 9.54
N ASP B 102 27.44 -33.82 10.37
CA ASP B 102 27.86 -35.19 10.68
C ASP B 102 26.80 -35.93 11.50
N THR B 103 25.86 -35.16 12.06
CA THR B 103 24.77 -35.70 12.88
C THR B 103 23.52 -36.00 12.04
N LEU B 104 23.52 -35.54 10.79
CA LEU B 104 22.51 -35.93 9.81
C LEU B 104 22.99 -37.12 8.98
N MET B 105 24.29 -37.14 8.66
CA MET B 105 24.94 -38.26 7.96
C MET B 105 24.68 -39.61 8.66
N THR B 106 24.52 -39.55 9.98
CA THR B 106 23.96 -40.67 10.76
C THR B 106 22.84 -41.37 10.02
N TYR B 107 21.96 -40.58 9.42
CA TYR B 107 20.73 -41.08 8.81
C TYR B 107 20.88 -41.46 7.35
N VAL B 108 21.87 -40.90 6.67
CA VAL B 108 21.94 -40.95 5.22
C VAL B 108 23.17 -41.71 4.67
N GLN B 109 23.99 -42.30 5.55
CA GLN B 109 25.23 -43.00 5.16
C GLN B 109 24.98 -44.37 4.53
N ASP B 110 23.94 -45.05 4.97
CA ASP B 110 23.59 -46.38 4.47
C ASP B 110 22.51 -46.20 3.42
N GLN B 111 22.97 -46.10 2.17
CA GLN B 111 22.15 -45.86 1.02
C GLN B 111 22.15 -47.06 0.08
N ASN B 112 21.04 -47.26 -0.61
CA ASN B 112 20.92 -48.34 -1.55
C ASN B 112 19.79 -47.98 -2.49
N GLU B 113 19.94 -48.26 -3.78
CA GLU B 113 18.82 -48.11 -4.72
C GLU B 113 17.56 -48.90 -4.30
N ASP B 114 17.75 -50.01 -3.57
CA ASP B 114 16.70 -50.77 -2.90
C ASP B 114 16.35 -50.02 -1.59
N CYS B 115 15.36 -49.12 -1.67
CA CYS B 115 15.04 -48.21 -0.57
C CYS B 115 13.53 -47.97 -0.34
N LEU B 116 12.68 -48.75 -1.00
CA LEU B 116 11.24 -48.52 -0.89
C LEU B 116 10.68 -49.19 0.39
N TYR B 117 10.90 -48.47 1.49
CA TYR B 117 10.58 -48.93 2.86
C TYR B 117 9.83 -47.84 3.61
N LEU B 118 8.94 -48.26 4.49
CA LEU B 118 8.24 -47.38 5.41
C LEU B 118 8.37 -47.84 6.87
N ASN B 119 8.14 -46.91 7.79
CA ASN B 119 8.21 -47.16 9.24
C ASN B 119 6.87 -46.87 9.90
N ILE B 120 6.44 -47.76 10.78
CA ILE B 120 5.12 -47.70 11.41
C ILE B 120 5.24 -47.59 12.95
N TYR B 121 4.53 -46.63 13.51
CA TYR B 121 4.53 -46.31 14.92
C TYR B 121 3.11 -46.45 15.41
N VAL B 122 2.87 -47.53 16.14
CA VAL B 122 1.54 -47.91 16.63
C VAL B 122 1.47 -47.68 18.14
N PRO B 123 0.56 -46.80 18.61
CA PRO B 123 0.41 -46.62 20.06
C PRO B 123 -0.32 -47.80 20.74
N THR B 124 0.12 -48.20 21.94
CA THR B 124 -0.42 -49.38 22.61
C THR B 124 -1.67 -49.15 23.50
N GLU B 125 -2.06 -47.88 23.71
CA GLU B 125 -3.32 -47.52 24.40
C GLU B 125 -4.51 -48.28 23.79
N SER B 133 -11.32 -50.16 18.87
CA SER B 133 -11.59 -49.40 17.65
C SER B 133 -10.33 -49.20 16.80
N LYS B 134 -10.56 -48.89 15.51
CA LYS B 134 -9.50 -48.66 14.55
C LYS B 134 -8.99 -47.21 14.62
N LYS B 135 -7.68 -47.04 14.71
CA LYS B 135 -7.07 -45.75 14.96
C LYS B 135 -6.84 -44.96 13.65
N PRO B 136 -7.00 -43.63 13.70
CA PRO B 136 -6.58 -42.84 12.54
C PRO B 136 -5.09 -43.06 12.22
N VAL B 137 -4.72 -42.79 10.98
CA VAL B 137 -3.38 -43.01 10.47
C VAL B 137 -2.89 -41.71 9.84
N MET B 138 -1.73 -41.24 10.27
CA MET B 138 -1.09 -40.06 9.71
C MET B 138 0.17 -40.51 8.98
N VAL B 139 0.23 -40.23 7.68
CA VAL B 139 1.31 -40.67 6.81
C VAL B 139 2.15 -39.47 6.35
N TYR B 140 3.42 -39.47 6.77
CA TYR B 140 4.30 -38.31 6.57
C TYR B 140 5.23 -38.46 5.37
N ILE B 141 5.27 -37.40 4.56
CA ILE B 141 6.12 -37.32 3.38
C ILE B 141 7.17 -36.25 3.65
N HIS B 142 8.41 -36.69 3.82
CA HIS B 142 9.53 -35.81 4.13
C HIS B 142 9.86 -34.84 2.98
N GLY B 143 10.49 -33.72 3.36
CA GLY B 143 11.02 -32.74 2.40
C GLY B 143 12.51 -32.96 2.21
N GLY B 144 13.17 -32.01 1.54
CA GLY B 144 14.55 -32.16 1.06
C GLY B 144 14.69 -31.90 -0.45
N SER B 145 13.82 -31.01 -0.95
CA SER B 145 13.84 -30.54 -2.35
C SER B 145 13.72 -31.63 -3.41
N TYR B 146 13.11 -32.78 -3.06
CA TYR B 146 12.98 -33.95 -3.96
C TYR B 146 14.27 -34.75 -4.15
N MET B 147 15.33 -34.27 -3.52
CA MET B 147 16.71 -34.64 -3.82
C MET B 147 17.37 -35.38 -2.66
N GLU B 148 16.94 -35.06 -1.45
CA GLU B 148 17.52 -35.67 -0.27
C GLU B 148 16.50 -35.82 0.83
N GLY B 149 16.94 -36.48 1.90
CA GLY B 149 16.14 -36.76 3.08
C GLY B 149 15.73 -38.21 3.21
N THR B 150 14.98 -38.50 4.28
CA THR B 150 14.46 -39.83 4.59
C THR B 150 13.39 -39.68 5.68
N GLY B 151 12.40 -40.56 5.63
CA GLY B 151 11.41 -40.66 6.71
C GLY B 151 12.01 -41.09 8.02
N ASN B 152 13.15 -41.80 7.95
CA ASN B 152 13.87 -42.33 9.13
C ASN B 152 14.30 -41.20 10.08
N MET B 153 14.45 -39.99 9.56
CA MET B 153 14.91 -38.87 10.38
CA MET B 153 14.90 -38.84 10.35
C MET B 153 13.83 -38.35 11.32
N ILE B 154 12.57 -38.73 11.09
CA ILE B 154 11.44 -38.37 11.97
C ILE B 154 11.03 -39.58 12.79
N ASP B 155 11.14 -39.49 14.11
CA ASP B 155 10.63 -40.51 15.04
C ASP B 155 9.18 -40.19 15.36
N GLY B 156 8.25 -41.05 14.89
CA GLY B 156 6.82 -40.80 15.05
C GLY B 156 6.22 -41.26 16.36
N SER B 157 7.06 -41.71 17.29
CA SER B 157 6.62 -42.32 18.55
C SER B 157 5.84 -41.35 19.44
N ILE B 158 6.32 -40.10 19.57
CA ILE B 158 5.65 -39.11 20.45
C ILE B 158 4.28 -38.67 19.92
N LEU B 159 4.23 -38.36 18.63
CA LEU B 159 2.98 -37.96 17.99
C LEU B 159 1.95 -39.08 18.09
N ALA B 160 2.39 -40.32 17.81
CA ALA B 160 1.52 -41.49 17.89
C ALA B 160 0.96 -41.69 19.31
N SER B 161 1.85 -41.68 20.30
CA SER B 161 1.45 -41.96 21.67
C SER B 161 0.61 -40.81 22.25
N TYR B 162 1.05 -39.57 22.02
CA TYR B 162 0.32 -38.41 22.49
C TYR B 162 -1.07 -38.29 21.84
N GLY B 163 -1.15 -38.54 20.54
CA GLY B 163 -2.40 -38.33 19.79
C GLY B 163 -3.29 -39.55 19.72
N ASN B 164 -2.76 -40.70 20.10
CA ASN B 164 -3.41 -42.00 19.90
C ASN B 164 -3.79 -42.26 18.43
N VAL B 165 -2.81 -42.04 17.57
CA VAL B 165 -2.91 -42.29 16.15
C VAL B 165 -1.73 -43.14 15.69
N ILE B 166 -1.90 -43.89 14.61
CA ILE B 166 -0.76 -44.54 13.97
C ILE B 166 -0.03 -43.50 13.11
N VAL B 167 1.28 -43.40 13.28
CA VAL B 167 2.11 -42.54 12.45
C VAL B 167 3.01 -43.40 11.55
N ILE B 168 3.03 -43.08 10.26
CA ILE B 168 3.85 -43.81 9.28
C ILE B 168 4.72 -42.81 8.50
N THR B 169 6.02 -43.09 8.46
CA THR B 169 6.96 -42.33 7.68
C THR B 169 7.40 -43.18 6.48
N ILE B 170 7.60 -42.52 5.35
CA ILE B 170 7.92 -43.25 4.14
CA ILE B 170 7.84 -43.15 4.06
C ILE B 170 9.20 -42.74 3.49
N ASN B 171 9.83 -43.66 2.76
CA ASN B 171 10.95 -43.36 1.89
C ASN B 171 10.49 -43.60 0.45
N TYR B 172 10.81 -42.65 -0.43
CA TYR B 172 10.42 -42.68 -1.83
C TYR B 172 11.64 -42.31 -2.68
N ARG B 173 11.65 -42.71 -3.95
CA ARG B 173 12.80 -42.43 -4.80
C ARG B 173 13.02 -40.93 -4.94
N LEU B 174 14.29 -40.56 -4.91
CA LEU B 174 14.72 -39.17 -4.87
C LEU B 174 15.56 -38.78 -6.11
N GLY B 175 15.53 -37.50 -6.44
CA GLY B 175 16.42 -36.92 -7.46
C GLY B 175 16.26 -37.59 -8.81
N ILE B 176 17.40 -37.91 -9.42
CA ILE B 176 17.45 -38.56 -10.72
C ILE B 176 16.61 -39.85 -10.73
N LEU B 177 16.82 -40.72 -9.73
CA LEU B 177 16.15 -42.02 -9.74
C LEU B 177 14.64 -41.90 -9.49
N GLY B 178 14.22 -40.90 -8.71
CA GLY B 178 12.80 -40.60 -8.50
C GLY B 178 12.13 -39.79 -9.59
N PHE B 179 12.90 -38.96 -10.29
CA PHE B 179 12.26 -37.93 -11.12
C PHE B 179 12.84 -37.67 -12.52
N LEU B 180 13.81 -38.47 -12.96
CA LEU B 180 14.33 -38.28 -14.30
C LEU B 180 13.20 -38.41 -15.33
N SER B 181 13.20 -37.51 -16.30
CA SER B 181 12.23 -37.55 -17.39
C SER B 181 12.85 -37.00 -18.66
N THR B 182 12.54 -37.66 -19.78
CA THR B 182 12.92 -37.21 -21.10
C THR B 182 11.95 -36.21 -21.71
N GLY B 183 10.77 -36.02 -21.13
CA GLY B 183 9.75 -35.21 -21.78
C GLY B 183 9.06 -35.92 -22.93
N ASP B 184 9.24 -37.24 -23.04
CA ASP B 184 8.46 -38.07 -23.95
C ASP B 184 8.22 -39.42 -23.28
N GLN B 185 7.89 -40.46 -24.05
CA GLN B 185 7.42 -41.70 -23.44
C GLN B 185 8.54 -42.64 -22.96
N ALA B 186 9.80 -42.30 -23.25
CA ALA B 186 10.94 -43.14 -22.81
C ALA B 186 11.13 -43.14 -21.30
N ALA B 187 10.96 -41.98 -20.68
CA ALA B 187 10.90 -41.87 -19.22
C ALA B 187 9.93 -40.76 -18.87
N LYS B 188 8.73 -41.14 -18.44
CA LYS B 188 7.63 -40.21 -18.14
C LYS B 188 7.76 -39.48 -16.79
N GLY B 189 8.63 -39.96 -15.90
CA GLY B 189 8.97 -39.27 -14.66
C GLY B 189 8.07 -39.64 -13.50
N ASN B 190 8.17 -38.87 -12.40
CA ASN B 190 7.22 -38.96 -11.25
C ASN B 190 7.26 -40.28 -10.50
N TYR B 191 8.38 -40.99 -10.62
CA TYR B 191 8.56 -42.30 -9.95
C TYR B 191 8.43 -42.12 -8.43
N GLY B 192 8.98 -41.04 -7.89
CA GLY B 192 8.88 -40.73 -6.47
C GLY B 192 7.46 -40.51 -5.94
N LEU B 193 6.64 -39.84 -6.75
CA LEU B 193 5.23 -39.65 -6.42
C LEU B 193 4.49 -40.98 -6.51
N LEU B 194 4.80 -41.79 -7.53
CA LEU B 194 4.21 -43.12 -7.66
C LEU B 194 4.62 -44.04 -6.53
N ASP B 195 5.83 -43.88 -6.01
CA ASP B 195 6.25 -44.59 -4.80
C ASP B 195 5.34 -44.25 -3.60
N GLN B 196 5.06 -42.96 -3.44
CA GLN B 196 4.19 -42.47 -2.38
C GLN B 196 2.78 -43.03 -2.52
N ILE B 197 2.29 -43.08 -3.75
CA ILE B 197 1.00 -43.70 -4.05
C ILE B 197 0.98 -45.20 -3.70
N GLN B 198 2.00 -45.94 -4.12
CA GLN B 198 2.16 -47.35 -3.77
C GLN B 198 2.22 -47.59 -2.25
N ALA B 199 2.93 -46.74 -1.51
CA ALA B 199 2.91 -46.81 -0.04
C ALA B 199 1.51 -46.60 0.53
N LEU B 200 0.79 -45.62 -0.02
CA LEU B 200 -0.60 -45.38 0.39
C LEU B 200 -1.51 -46.56 0.08
N ARG B 201 -1.29 -47.23 -1.06
CA ARG B 201 -2.01 -48.46 -1.39
C ARG B 201 -1.70 -49.56 -0.39
N TRP B 202 -0.43 -49.76 -0.12
CA TRP B 202 -0.01 -50.76 0.86
C TRP B 202 -0.72 -50.51 2.21
N ILE B 203 -0.68 -49.26 2.65
CA ILE B 203 -1.28 -48.85 3.92
C ILE B 203 -2.79 -49.13 3.90
N GLU B 204 -3.45 -48.74 2.82
CA GLU B 204 -4.89 -48.97 2.67
C GLU B 204 -5.23 -50.45 2.81
N GLU B 205 -4.40 -51.32 2.25
CA GLU B 205 -4.64 -52.75 2.27
C GLU B 205 -4.15 -53.45 3.53
N ASN B 206 -3.16 -52.88 4.23
CA ASN B 206 -2.51 -53.61 5.32
C ASN B 206 -2.63 -52.98 6.72
N VAL B 207 -2.96 -51.68 6.79
CA VAL B 207 -2.88 -50.95 8.08
C VAL B 207 -3.90 -51.49 9.10
N GLY B 208 -4.99 -52.07 8.60
CA GLY B 208 -5.96 -52.76 9.48
C GLY B 208 -5.35 -53.82 10.41
N ALA B 209 -4.36 -54.56 9.90
CA ALA B 209 -3.65 -55.56 10.70
C ALA B 209 -2.91 -54.94 11.88
N PHE B 210 -2.59 -53.65 11.79
CA PHE B 210 -1.92 -52.92 12.86
C PHE B 210 -2.89 -52.17 13.78
N GLY B 211 -4.19 -52.33 13.55
CA GLY B 211 -5.22 -51.63 14.34
C GLY B 211 -5.58 -50.26 13.78
N GLY B 212 -5.21 -50.02 12.53
CA GLY B 212 -5.47 -48.75 11.86
C GLY B 212 -6.74 -48.77 11.04
N ASP B 213 -7.27 -47.59 10.76
CA ASP B 213 -8.53 -47.40 10.03
C ASP B 213 -8.22 -46.82 8.64
N PRO B 214 -8.30 -47.65 7.57
CA PRO B 214 -7.98 -47.15 6.20
C PRO B 214 -8.92 -46.03 5.72
N LYS B 215 -10.07 -45.91 6.38
CA LYS B 215 -11.03 -44.85 6.12
C LYS B 215 -10.73 -43.55 6.85
N ARG B 216 -9.66 -43.53 7.66
CA ARG B 216 -9.19 -42.30 8.32
C ARG B 216 -7.69 -42.13 8.18
N VAL B 217 -7.29 -41.96 6.92
CA VAL B 217 -5.92 -41.68 6.56
C VAL B 217 -5.72 -40.20 6.18
N THR B 218 -4.78 -39.56 6.89
CA THR B 218 -4.33 -38.21 6.64
C THR B 218 -2.90 -38.27 6.08
N ILE B 219 -2.63 -37.57 4.99
CA ILE B 219 -1.26 -37.39 4.54
C ILE B 219 -0.80 -36.00 4.93
N PHE B 220 0.48 -35.88 5.25
CA PHE B 220 1.09 -34.62 5.63
C PHE B 220 2.57 -34.57 5.27
N GLY B 221 3.07 -33.35 5.14
CA GLY B 221 4.44 -33.13 4.69
C GLY B 221 4.83 -31.72 4.91
N SER B 222 6.15 -31.48 4.93
CA SER B 222 6.72 -30.14 5.06
C SER B 222 7.66 -29.90 3.88
N GLY B 223 7.69 -28.66 3.40
CA GLY B 223 8.63 -28.26 2.31
C GLY B 223 8.28 -28.99 1.01
N ALA B 224 9.26 -29.67 0.41
CA ALA B 224 8.98 -30.47 -0.80
C ALA B 224 8.00 -31.62 -0.51
N GLY B 225 7.95 -32.09 0.73
CA GLY B 225 6.96 -33.06 1.16
C GLY B 225 5.56 -32.52 1.12
N ALA B 226 5.41 -31.23 1.45
CA ALA B 226 4.13 -30.51 1.27
C ALA B 226 3.78 -30.28 -0.20
N SER B 227 4.78 -30.00 -1.03
CA SER B 227 4.57 -29.94 -2.47
C SER B 227 4.07 -31.27 -3.00
N CYS B 228 4.68 -32.36 -2.50
CA CYS B 228 4.21 -33.71 -2.86
C CYS B 228 2.80 -33.96 -2.39
N VAL B 229 2.50 -33.61 -1.14
CA VAL B 229 1.11 -33.73 -0.67
C VAL B 229 0.15 -32.97 -1.57
N SER B 230 0.48 -31.73 -1.90
CA SER B 230 -0.37 -30.90 -2.77
C SER B 230 -0.61 -31.55 -4.14
N LEU B 231 0.46 -32.09 -4.71
CA LEU B 231 0.36 -32.77 -6.01
C LEU B 231 -0.45 -34.05 -5.93
N LEU B 232 -0.34 -34.80 -4.85
CA LEU B 232 -1.16 -36.01 -4.67
C LEU B 232 -2.66 -35.70 -4.53
N THR B 233 -3.01 -34.59 -3.87
CA THR B 233 -4.42 -34.18 -3.85
C THR B 233 -4.98 -33.86 -5.25
N LEU B 234 -4.10 -33.59 -6.20
CA LEU B 234 -4.52 -33.22 -7.56
C LEU B 234 -4.39 -34.38 -8.54
N SER B 235 -3.95 -35.56 -8.09
CA SER B 235 -3.82 -36.72 -8.96
C SER B 235 -4.98 -37.69 -8.80
N HIS B 236 -5.54 -38.09 -9.93
CA HIS B 236 -6.53 -39.16 -9.96
CA HIS B 236 -6.53 -39.17 -10.01
C HIS B 236 -6.00 -40.48 -9.36
N TYR B 237 -4.69 -40.69 -9.34
CA TYR B 237 -4.08 -41.91 -8.74
C TYR B 237 -4.26 -42.02 -7.25
N SER B 238 -4.45 -40.89 -6.58
CA SER B 238 -4.61 -40.82 -5.13
C SER B 238 -6.00 -41.14 -4.64
N GLU B 239 -6.96 -41.21 -5.57
CA GLU B 239 -8.34 -41.35 -5.17
C GLU B 239 -8.55 -42.64 -4.36
N GLY B 240 -9.25 -42.52 -3.22
CA GLY B 240 -9.55 -43.68 -2.37
C GLY B 240 -8.43 -44.05 -1.41
N LEU B 241 -7.35 -43.29 -1.39
CA LEU B 241 -6.20 -43.63 -0.55
C LEU B 241 -6.03 -42.78 0.70
N PHE B 242 -6.69 -41.63 0.75
CA PHE B 242 -6.68 -40.77 1.92
C PHE B 242 -7.85 -39.80 1.83
N GLN B 243 -8.21 -39.20 2.98
CA GLN B 243 -9.36 -38.31 3.04
C GLN B 243 -8.99 -36.92 3.47
N LYS B 244 -7.80 -36.74 4.06
CA LYS B 244 -7.39 -35.46 4.61
C LYS B 244 -5.91 -35.20 4.30
N ALA B 245 -5.55 -33.93 4.20
CA ALA B 245 -4.15 -33.51 4.00
C ALA B 245 -3.82 -32.30 4.86
N ILE B 246 -2.60 -32.30 5.37
CA ILE B 246 -2.00 -31.17 6.03
C ILE B 246 -0.74 -30.76 5.26
N ILE B 247 -0.71 -29.49 4.84
CA ILE B 247 0.25 -29.00 3.89
C ILE B 247 1.06 -27.87 4.53
N GLN B 248 2.26 -28.24 4.99
CA GLN B 248 3.12 -27.34 5.78
C GLN B 248 4.24 -26.70 4.94
N SER B 249 4.15 -25.40 4.72
CA SER B 249 5.20 -24.63 4.10
C SER B 249 5.63 -25.21 2.75
N GLY B 250 4.66 -25.48 1.89
CA GLY B 250 4.94 -25.87 0.49
C GLY B 250 3.67 -25.99 -0.28
N THR B 251 3.76 -25.87 -1.60
CA THR B 251 2.61 -25.96 -2.50
C THR B 251 3.01 -26.56 -3.85
N ALA B 252 2.01 -26.82 -4.67
CA ALA B 252 2.19 -27.30 -6.03
C ALA B 252 2.49 -26.14 -7.00
N LEU B 253 2.47 -24.91 -6.50
CA LEU B 253 2.44 -23.72 -7.32
C LEU B 253 3.73 -22.89 -7.30
N SER B 254 4.66 -23.19 -6.42
CA SER B 254 5.92 -22.45 -6.33
C SER B 254 6.85 -22.80 -7.49
N SER B 255 7.84 -21.94 -7.72
CA SER B 255 8.79 -22.10 -8.82
C SER B 255 9.59 -23.40 -8.76
N TRP B 256 9.78 -23.93 -7.55
CA TRP B 256 10.55 -25.15 -7.35
C TRP B 256 9.70 -26.42 -7.18
N ALA B 257 8.38 -26.32 -7.34
CA ALA B 257 7.49 -27.45 -7.18
C ALA B 257 7.48 -28.43 -8.35
N VAL B 258 7.54 -27.90 -9.57
CA VAL B 258 7.41 -28.68 -10.78
C VAL B 258 8.54 -28.31 -11.73
N ASN B 259 9.05 -29.30 -12.44
CA ASN B 259 10.08 -29.12 -13.41
C ASN B 259 9.41 -29.03 -14.80
N TYR B 260 9.42 -27.83 -15.37
CA TYR B 260 8.86 -27.61 -16.72
C TYR B 260 9.91 -27.87 -17.82
N GLN B 261 11.13 -28.24 -17.46
CA GLN B 261 12.18 -28.50 -18.46
C GLN B 261 12.95 -29.77 -18.20
N PRO B 262 12.26 -30.91 -18.06
CA PRO B 262 12.97 -32.11 -17.69
C PRO B 262 14.02 -32.59 -18.73
N ALA B 263 13.68 -32.55 -20.02
CA ALA B 263 14.57 -33.03 -21.09
C ALA B 263 15.92 -32.35 -21.08
N LYS B 264 15.94 -31.06 -20.78
CA LYS B 264 17.17 -30.26 -20.72
C LYS B 264 18.15 -30.88 -19.74
N TYR B 265 17.66 -31.12 -18.54
CA TYR B 265 18.53 -31.52 -17.44
C TYR B 265 18.94 -33.00 -17.54
N THR B 266 18.06 -33.80 -18.12
CA THR B 266 18.33 -35.21 -18.39
C THR B 266 19.42 -35.36 -19.46
N ARG B 267 19.40 -34.47 -20.45
CA ARG B 267 20.40 -34.40 -21.51
C ARG B 267 21.77 -34.02 -20.93
N ILE B 268 21.80 -33.01 -20.06
CA ILE B 268 23.03 -32.60 -19.37
C ILE B 268 23.63 -33.76 -18.58
N LEU B 269 22.79 -34.46 -17.82
CA LEU B 269 23.22 -35.65 -17.09
C LEU B 269 23.76 -36.75 -18.03
N ALA B 270 23.01 -37.05 -19.09
CA ALA B 270 23.33 -38.13 -20.01
C ALA B 270 24.66 -37.88 -20.71
N ASP B 271 24.92 -36.63 -21.06
CA ASP B 271 26.18 -36.24 -21.69
C ASP B 271 27.39 -36.35 -20.73
N LYS B 272 27.23 -35.92 -19.47
CA LYS B 272 28.29 -36.06 -18.46
C LYS B 272 28.69 -37.54 -18.19
N VAL B 273 27.75 -38.45 -18.44
CA VAL B 273 27.85 -39.85 -18.04
C VAL B 273 28.04 -40.79 -19.26
N GLY B 274 28.20 -40.20 -20.45
CA GLY B 274 28.57 -40.96 -21.63
C GLY B 274 27.41 -41.59 -22.38
N CYS B 275 26.21 -41.04 -22.17
CA CYS B 275 24.99 -41.51 -22.84
C CYS B 275 24.55 -40.49 -23.87
N ASN B 276 25.35 -40.37 -24.93
CA ASN B 276 25.21 -39.28 -25.89
C ASN B 276 24.22 -39.55 -27.04
N MET B 277 23.63 -40.75 -27.10
CA MET B 277 22.58 -41.06 -28.11
C MET B 277 21.49 -40.01 -28.09
N LEU B 278 21.00 -39.66 -29.28
CA LEU B 278 19.86 -38.77 -29.46
C LEU B 278 18.52 -39.48 -29.31
N ASP B 279 18.48 -40.78 -29.60
CA ASP B 279 17.28 -41.59 -29.34
C ASP B 279 17.06 -41.72 -27.82
N THR B 280 15.87 -41.30 -27.36
CA THR B 280 15.59 -41.22 -25.91
C THR B 280 15.40 -42.60 -25.27
N THR B 281 14.85 -43.55 -26.02
CA THR B 281 14.74 -44.93 -25.53
C THR B 281 16.13 -45.54 -25.32
N ASP B 282 17.04 -45.28 -26.26
CA ASP B 282 18.41 -45.76 -26.13
C ASP B 282 19.15 -45.03 -25.01
N MET B 283 18.88 -43.73 -24.87
CA MET B 283 19.51 -42.94 -23.80
C MET B 283 19.08 -43.45 -22.41
N VAL B 284 17.81 -43.74 -22.23
CA VAL B 284 17.30 -44.21 -20.91
C VAL B 284 17.85 -45.59 -20.52
N GLU B 285 17.85 -46.52 -21.48
CA GLU B 285 18.36 -47.87 -21.27
C GLU B 285 19.86 -47.82 -20.96
N CYS B 286 20.57 -46.94 -21.65
CA CYS B 286 21.96 -46.63 -21.33
C CYS B 286 22.13 -46.10 -19.88
N LEU B 287 21.30 -45.14 -19.47
CA LEU B 287 21.27 -44.66 -18.07
C LEU B 287 20.97 -45.75 -17.01
N ARG B 288 20.06 -46.67 -17.33
CA ARG B 288 19.81 -47.86 -16.50
C ARG B 288 21.04 -48.73 -16.27
N ASN B 289 21.94 -48.76 -17.25
CA ASN B 289 23.13 -49.60 -17.14
C ASN B 289 24.21 -48.95 -16.27
N LYS B 290 24.05 -47.68 -15.91
CA LYS B 290 25.07 -46.97 -15.13
C LYS B 290 24.91 -47.30 -13.66
N ASN B 291 26.02 -47.33 -12.93
CA ASN B 291 25.97 -47.41 -11.48
C ASN B 291 25.33 -46.13 -10.94
N TYR B 292 24.41 -46.27 -9.99
CA TYR B 292 23.68 -45.11 -9.45
C TYR B 292 24.62 -44.04 -8.87
N LYS B 293 25.79 -44.48 -8.37
CA LYS B 293 26.80 -43.55 -7.81
C LYS B 293 27.35 -42.63 -8.89
N GLU B 294 27.41 -43.15 -10.12
CA GLU B 294 27.89 -42.44 -11.32
CA GLU B 294 27.91 -42.39 -11.27
C GLU B 294 26.92 -41.28 -11.60
N LEU B 295 25.65 -41.55 -11.33
CA LEU B 295 24.57 -40.60 -11.56
C LEU B 295 24.43 -39.52 -10.46
N ILE B 296 24.28 -39.92 -9.20
CA ILE B 296 24.02 -38.94 -8.12
C ILE B 296 25.20 -38.03 -7.82
N GLN B 297 26.40 -38.39 -8.25
CA GLN B 297 27.60 -37.55 -8.09
C GLN B 297 27.66 -36.28 -8.96
N GLN B 298 27.03 -36.30 -10.13
CA GLN B 298 27.15 -35.20 -11.09
C GLN B 298 26.54 -33.88 -10.59
N THR B 299 27.27 -32.77 -10.70
CA THR B 299 26.64 -31.45 -10.45
C THR B 299 25.69 -31.10 -11.62
N ILE B 300 24.37 -31.08 -11.39
CA ILE B 300 23.43 -30.58 -12.39
C ILE B 300 22.71 -29.35 -11.81
N THR B 301 23.12 -28.16 -12.23
CA THR B 301 22.63 -26.94 -11.60
C THR B 301 21.45 -26.38 -12.38
N PRO B 302 20.26 -26.34 -11.74
CA PRO B 302 19.14 -25.73 -12.44
C PRO B 302 19.19 -24.20 -12.36
N ALA B 303 18.39 -23.53 -13.19
CA ALA B 303 18.12 -22.12 -13.02
C ALA B 303 17.75 -21.84 -11.56
N THR B 304 18.15 -20.67 -11.10
CA THR B 304 17.92 -20.23 -9.72
C THR B 304 16.43 -20.27 -9.36
N TYR B 305 16.15 -20.79 -8.17
CA TYR B 305 14.78 -21.02 -7.67
C TYR B 305 13.98 -22.11 -8.41
N HIS B 306 14.66 -22.87 -9.26
CA HIS B 306 14.03 -23.99 -9.98
C HIS B 306 14.71 -25.33 -9.66
N ILE B 307 14.19 -26.43 -10.21
CA ILE B 307 14.74 -27.76 -9.96
C ILE B 307 15.11 -28.50 -11.25
N ALA B 308 16.15 -29.32 -11.15
CA ALA B 308 16.62 -30.09 -12.29
C ALA B 308 15.91 -31.44 -12.41
N PHE B 309 15.54 -31.99 -11.25
CA PHE B 309 14.92 -33.30 -11.18
C PHE B 309 13.79 -33.21 -10.16
N GLY B 310 12.56 -33.21 -10.66
CA GLY B 310 11.39 -33.20 -9.77
C GLY B 310 10.13 -33.57 -10.53
N PRO B 311 8.97 -33.41 -9.88
CA PRO B 311 7.69 -33.71 -10.54
C PRO B 311 7.56 -33.02 -11.89
N VAL B 312 6.96 -33.71 -12.86
CA VAL B 312 6.72 -33.18 -14.19
C VAL B 312 5.22 -33.28 -14.57
N ILE B 313 4.79 -32.43 -15.49
CA ILE B 313 3.42 -32.51 -16.03
C ILE B 313 3.49 -33.62 -17.09
N ASP B 314 3.19 -34.84 -16.67
CA ASP B 314 3.32 -36.00 -17.55
C ASP B 314 2.10 -36.35 -18.37
N GLY B 315 0.97 -35.70 -18.11
CA GLY B 315 -0.28 -36.02 -18.82
C GLY B 315 -1.04 -37.17 -18.20
N ASP B 316 -0.55 -37.72 -17.10
CA ASP B 316 -1.11 -38.92 -16.47
C ASP B 316 -1.17 -38.84 -14.94
N VAL B 317 -0.04 -38.98 -14.26
CA VAL B 317 -0.04 -38.80 -12.82
C VAL B 317 -0.45 -37.36 -12.50
N ILE B 318 0.09 -36.42 -13.28
CA ILE B 318 -0.19 -34.98 -13.19
C ILE B 318 -0.58 -34.51 -14.61
N PRO B 319 -1.88 -34.58 -14.95
CA PRO B 319 -2.34 -34.35 -16.33
C PRO B 319 -2.12 -32.96 -16.88
N ASP B 320 -2.08 -31.96 -16.01
CA ASP B 320 -1.96 -30.57 -16.41
C ASP B 320 -1.29 -29.74 -15.31
N ASP B 321 -1.03 -28.50 -15.64
CA ASP B 321 -0.58 -27.52 -14.65
C ASP B 321 -1.39 -27.59 -13.37
N PRO B 322 -0.72 -27.63 -12.20
CA PRO B 322 -1.46 -27.72 -10.93
C PRO B 322 -2.54 -26.67 -10.78
N GLN B 323 -2.29 -25.47 -11.24
CA GLN B 323 -3.28 -24.40 -11.20
C GLN B 323 -4.56 -24.83 -11.87
N ILE B 324 -4.43 -25.46 -13.04
CA ILE B 324 -5.56 -25.94 -13.83
C ILE B 324 -6.24 -27.11 -13.15
N LEU B 325 -5.46 -28.05 -12.60
CA LEU B 325 -6.05 -29.16 -11.83
C LEU B 325 -6.88 -28.67 -10.62
N MET B 326 -6.38 -27.64 -9.95
CA MET B 326 -7.11 -27.01 -8.83
C MET B 326 -8.42 -26.33 -9.26
N GLU B 327 -8.38 -25.65 -10.41
CA GLU B 327 -9.58 -25.05 -10.98
C GLU B 327 -10.58 -26.07 -11.49
N GLN B 328 -10.11 -27.21 -12.00
CA GLN B 328 -11.02 -28.30 -12.35
C GLN B 328 -11.63 -28.97 -11.09
N GLY B 329 -11.04 -28.74 -9.92
CA GLY B 329 -11.58 -29.23 -8.65
C GLY B 329 -11.11 -30.57 -8.14
N GLU B 330 -9.95 -31.05 -8.62
CA GLU B 330 -9.50 -32.41 -8.31
C GLU B 330 -9.28 -32.66 -6.81
N PHE B 331 -8.98 -31.61 -6.06
CA PHE B 331 -8.74 -31.74 -4.61
C PHE B 331 -9.92 -31.38 -3.70
N LEU B 332 -11.08 -31.16 -4.31
CA LEU B 332 -12.28 -30.72 -3.59
C LEU B 332 -12.91 -31.77 -2.65
N ASN B 333 -12.55 -33.05 -2.87
CA ASN B 333 -12.97 -34.13 -1.99
C ASN B 333 -12.29 -34.12 -0.62
N TYR B 334 -11.07 -33.59 -0.55
CA TYR B 334 -10.28 -33.68 0.67
C TYR B 334 -10.55 -32.53 1.63
N ASP B 335 -10.51 -32.83 2.92
CA ASP B 335 -10.41 -31.84 3.96
C ASP B 335 -8.93 -31.39 4.07
N ILE B 336 -8.63 -30.09 4.00
CA ILE B 336 -7.23 -29.66 3.94
C ILE B 336 -6.88 -28.57 4.95
N MET B 337 -5.81 -28.81 5.70
CA MET B 337 -5.19 -27.81 6.58
C MET B 337 -3.90 -27.39 5.91
N LEU B 338 -3.66 -26.09 5.81
CA LEU B 338 -2.40 -25.60 5.28
C LEU B 338 -1.94 -24.31 5.93
N GLY B 339 -0.65 -24.05 5.82
CA GLY B 339 -0.08 -22.86 6.40
C GLY B 339 1.37 -22.62 6.07
N VAL B 340 1.89 -21.56 6.68
CA VAL B 340 3.20 -21.05 6.39
C VAL B 340 3.78 -20.49 7.68
N ASN B 341 5.09 -20.28 7.66
CA ASN B 341 5.81 -19.68 8.78
C ASN B 341 6.07 -18.21 8.50
N GLN B 342 6.13 -17.41 9.56
CA GLN B 342 6.30 -15.97 9.41
C GLN B 342 7.46 -15.53 8.50
N GLY B 343 8.62 -16.16 8.66
CA GLY B 343 9.80 -15.72 7.94
C GLY B 343 10.50 -16.83 7.19
N GLU B 344 9.73 -17.60 6.41
CA GLU B 344 10.22 -18.71 5.59
C GLU B 344 11.50 -18.41 4.80
N GLY B 345 11.51 -17.25 4.14
CA GLY B 345 12.59 -16.84 3.24
C GLY B 345 13.85 -16.24 3.83
N LEU B 346 14.17 -16.60 5.06
CA LEU B 346 15.34 -16.11 5.79
C LEU B 346 16.64 -16.13 4.96
N LYS B 347 16.86 -17.21 4.20
CA LYS B 347 18.11 -17.36 3.42
C LYS B 347 18.24 -16.33 2.28
N PHE B 348 17.12 -15.75 1.87
CA PHE B 348 17.14 -14.73 0.82
C PHE B 348 18.16 -13.59 1.09
N VAL B 349 18.37 -13.27 2.36
CA VAL B 349 19.30 -12.20 2.75
C VAL B 349 20.67 -12.68 3.23
N ASP B 350 21.02 -13.94 2.99
CA ASP B 350 22.37 -14.44 3.31
C ASP B 350 23.44 -13.55 2.66
N GLY B 351 24.44 -13.16 3.45
CA GLY B 351 25.58 -12.41 2.93
C GLY B 351 25.38 -10.91 2.74
N ILE B 352 24.16 -10.40 2.91
CA ILE B 352 23.92 -8.96 2.74
C ILE B 352 23.48 -8.24 4.01
N VAL B 353 23.48 -8.95 5.15
CA VAL B 353 23.13 -8.36 6.46
C VAL B 353 24.41 -7.98 7.20
N ASP B 354 24.55 -6.69 7.55
CA ASP B 354 25.77 -6.19 8.19
C ASP B 354 25.72 -6.45 9.70
N ASN B 355 26.71 -5.93 10.43
CA ASN B 355 26.91 -6.33 11.82
C ASN B 355 25.91 -5.63 12.76
N GLU B 356 25.21 -4.63 12.23
CA GLU B 356 24.06 -4.01 12.91
C GLU B 356 22.71 -4.45 12.31
N ASP B 357 22.68 -5.66 11.75
CA ASP B 357 21.44 -6.33 11.34
C ASP B 357 20.69 -5.61 10.21
N GLY B 358 21.40 -4.81 9.43
CA GLY B 358 20.78 -3.99 8.38
C GLY B 358 21.18 -4.40 6.99
N VAL B 359 20.40 -3.94 6.01
CA VAL B 359 20.68 -4.09 4.58
C VAL B 359 20.74 -2.70 3.95
N THR B 360 21.69 -2.48 3.03
CA THR B 360 21.85 -1.16 2.39
C THR B 360 20.85 -0.99 1.25
N PRO B 361 20.58 0.27 0.83
CA PRO B 361 19.68 0.49 -0.32
C PRO B 361 20.21 -0.13 -1.62
N ASN B 362 21.53 -0.08 -1.82
CA ASN B 362 22.16 -0.75 -2.95
C ASN B 362 21.91 -2.28 -2.94
N ASP B 363 22.10 -2.94 -1.80
CA ASP B 363 21.83 -4.40 -1.67
C ASP B 363 20.35 -4.79 -1.78
N PHE B 364 19.46 -3.86 -1.44
CA PHE B 364 18.02 -4.02 -1.64
C PHE B 364 17.69 -4.01 -3.14
N ASP B 365 18.18 -3.00 -3.85
CA ASP B 365 17.91 -2.84 -5.28
C ASP B 365 18.47 -4.00 -6.08
N PHE B 366 19.65 -4.48 -5.67
CA PHE B 366 20.30 -5.64 -6.29
C PHE B 366 19.48 -6.93 -6.07
N SER B 367 19.06 -7.16 -4.83
CA SER B 367 18.21 -8.31 -4.51
C SER B 367 16.93 -8.31 -5.32
N VAL B 368 16.25 -7.17 -5.41
CA VAL B 368 14.97 -7.12 -6.12
C VAL B 368 15.19 -7.36 -7.61
N SER B 369 16.22 -6.73 -8.15
CA SER B 369 16.51 -6.84 -9.57
C SER B 369 16.81 -8.28 -9.95
N ASN B 370 17.68 -8.93 -9.19
CA ASN B 370 17.98 -10.38 -9.35
C ASN B 370 16.75 -11.29 -9.15
N PHE B 371 16.00 -11.05 -8.09
CA PHE B 371 14.69 -11.71 -7.88
C PHE B 371 13.81 -11.74 -9.15
N VAL B 372 13.74 -10.60 -9.85
CA VAL B 372 12.91 -10.44 -11.05
C VAL B 372 13.52 -11.19 -12.23
N ASP B 373 14.83 -11.01 -12.45
CA ASP B 373 15.54 -11.79 -13.46
C ASP B 373 15.27 -13.30 -13.30
N ASN B 374 15.34 -13.78 -12.07
CA ASN B 374 15.25 -15.23 -11.79
C ASN B 374 13.83 -15.81 -11.78
N LEU B 375 12.83 -15.00 -11.40
CA LEU B 375 11.46 -15.51 -11.30
C LEU B 375 10.52 -14.99 -12.38
N TYR B 376 10.85 -13.87 -13.01
CA TYR B 376 10.00 -13.37 -14.08
C TYR B 376 10.72 -13.38 -15.42
N GLY B 377 12.04 -13.44 -15.42
CA GLY B 377 12.78 -13.60 -16.65
C GLY B 377 12.56 -12.31 -17.39
N TYR B 378 11.78 -12.35 -18.46
CA TYR B 378 11.31 -11.12 -19.13
C TYR B 378 9.84 -11.24 -19.57
N PRO B 379 8.91 -10.89 -18.66
CA PRO B 379 7.53 -10.85 -19.10
C PRO B 379 7.23 -9.50 -19.75
N GLU B 380 6.05 -9.40 -20.37
CA GLU B 380 5.54 -8.12 -20.84
C GLU B 380 5.69 -7.11 -19.67
N GLY B 381 6.63 -6.17 -19.80
CA GLY B 381 6.85 -5.09 -18.81
C GLY B 381 7.71 -5.42 -17.57
N LYS B 382 8.95 -5.82 -17.81
CA LYS B 382 9.89 -6.18 -16.73
C LYS B 382 10.36 -5.01 -15.85
N ASP B 383 10.59 -3.84 -16.47
CA ASP B 383 10.97 -2.62 -15.74
C ASP B 383 9.85 -2.09 -14.85
N THR B 384 8.63 -2.06 -15.40
CA THR B 384 7.44 -1.75 -14.64
C THR B 384 7.35 -2.66 -13.42
N LEU B 385 7.56 -3.96 -13.64
CA LEU B 385 7.47 -4.94 -12.57
C LEU B 385 8.51 -4.70 -11.48
N ARG B 386 9.76 -4.56 -11.87
CA ARG B 386 10.84 -4.28 -10.93
C ARG B 386 10.62 -3.00 -10.09
N GLU B 387 10.22 -1.90 -10.72
CA GLU B 387 10.02 -0.67 -9.98
CA GLU B 387 10.00 -0.65 -9.99
C GLU B 387 8.79 -0.77 -9.04
N THR B 388 7.74 -1.43 -9.50
CA THR B 388 6.55 -1.65 -8.68
C THR B 388 6.82 -2.52 -7.45
N ILE B 389 7.55 -3.62 -7.63
CA ILE B 389 7.94 -4.46 -6.49
C ILE B 389 8.78 -3.66 -5.49
N LYS B 390 9.74 -2.89 -6.00
CA LYS B 390 10.56 -2.04 -5.16
C LYS B 390 9.71 -1.06 -4.32
N PHE B 391 8.73 -0.41 -4.97
CA PHE B 391 7.79 0.46 -4.27
C PHE B 391 6.99 -0.25 -3.18
N MET B 392 6.42 -1.40 -3.53
CA MET B 392 5.56 -2.16 -2.62
C MET B 392 6.29 -2.67 -1.38
N TYR B 393 7.58 -2.96 -1.50
CA TYR B 393 8.34 -3.48 -0.38
C TYR B 393 9.25 -2.43 0.22
N THR B 394 8.90 -1.15 0.07
CA THR B 394 9.61 -0.08 0.76
C THR B 394 8.68 0.43 1.86
N ASP B 395 9.22 0.65 3.05
CA ASP B 395 8.49 1.27 4.12
C ASP B 395 8.63 2.78 4.01
N TRP B 396 7.65 3.41 3.36
CA TRP B 396 7.67 4.85 3.07
C TRP B 396 7.50 5.73 4.32
N ALA B 397 7.02 5.13 5.41
CA ALA B 397 6.95 5.82 6.70
C ALA B 397 8.29 5.77 7.46
N ASP B 398 9.24 4.97 7.00
CA ASP B 398 10.55 4.84 7.67
C ASP B 398 11.61 4.37 6.67
N LYS B 399 11.80 5.21 5.65
CA LYS B 399 12.50 4.86 4.41
C LYS B 399 14.02 4.60 4.62
N GLU B 400 14.61 5.17 5.67
CA GLU B 400 16.05 5.04 5.90
C GLU B 400 16.43 3.89 6.83
N ASN B 401 15.46 3.20 7.43
CA ASN B 401 15.76 2.18 8.43
C ASN B 401 16.34 0.90 7.79
N PRO B 402 17.63 0.59 8.09
CA PRO B 402 18.28 -0.56 7.43
C PRO B 402 17.79 -1.95 7.91
N GLU B 403 17.29 -2.01 9.14
CA GLU B 403 16.73 -3.25 9.68
C GLU B 403 15.36 -3.54 9.09
N THR B 404 14.54 -2.49 8.88
CA THR B 404 13.28 -2.63 8.15
C THR B 404 13.55 -3.09 6.72
N ARG B 405 14.60 -2.56 6.09
CA ARG B 405 14.97 -2.98 4.74
C ARG B 405 15.31 -4.49 4.70
N ARG B 406 16.03 -4.98 5.72
CA ARG B 406 16.25 -6.42 5.90
C ARG B 406 14.93 -7.20 5.98
N LYS B 407 14.04 -6.78 6.87
CA LYS B 407 12.76 -7.44 7.04
C LYS B 407 11.96 -7.53 5.75
N THR B 408 11.95 -6.44 4.96
CA THR B 408 11.13 -6.39 3.75
C THR B 408 11.62 -7.30 2.65
N LEU B 409 12.92 -7.58 2.61
CA LEU B 409 13.50 -8.56 1.68
C LEU B 409 13.15 -10.00 2.06
N VAL B 410 13.23 -10.34 3.34
CA VAL B 410 12.76 -11.61 3.85
C VAL B 410 11.28 -11.76 3.50
N ALA B 411 10.50 -10.68 3.66
CA ALA B 411 9.07 -10.70 3.37
C ALA B 411 8.78 -10.88 1.88
N LEU B 412 9.50 -10.17 1.03
CA LEU B 412 9.38 -10.34 -0.41
C LEU B 412 9.44 -11.81 -0.87
N PHE B 413 10.50 -12.50 -0.44
CA PHE B 413 10.74 -13.88 -0.82
C PHE B 413 9.74 -14.81 -0.16
N THR B 414 9.42 -14.54 1.10
CA THR B 414 8.45 -15.35 1.83
C THR B 414 7.06 -15.23 1.21
N ASP B 415 6.68 -13.99 0.93
CA ASP B 415 5.40 -13.70 0.28
C ASP B 415 5.27 -14.40 -1.08
N HIS B 416 6.26 -14.22 -1.93
CA HIS B 416 6.21 -14.79 -3.28
C HIS B 416 6.28 -16.32 -3.30
N GLN B 417 7.22 -16.91 -2.57
CA GLN B 417 7.48 -18.33 -2.71
C GLN B 417 6.54 -19.20 -1.84
N TRP B 418 6.03 -18.65 -0.73
CA TRP B 418 5.19 -19.42 0.18
C TRP B 418 3.81 -18.86 0.41
N VAL B 419 3.69 -17.57 0.75
CA VAL B 419 2.41 -17.07 1.27
C VAL B 419 1.38 -16.96 0.14
N ALA B 420 1.72 -16.27 -0.94
CA ALA B 420 0.74 -16.09 -2.02
C ALA B 420 0.27 -17.43 -2.60
N PRO B 421 1.21 -18.35 -2.96
CA PRO B 421 0.74 -19.67 -3.44
C PRO B 421 -0.04 -20.52 -2.43
N ALA B 422 0.23 -20.40 -1.13
CA ALA B 422 -0.59 -21.06 -0.12
C ALA B 422 -2.01 -20.52 -0.09
N VAL B 423 -2.15 -19.20 -0.15
CA VAL B 423 -3.48 -18.56 -0.16
C VAL B 423 -4.23 -18.88 -1.44
N ALA B 424 -3.55 -18.87 -2.59
CA ALA B 424 -4.18 -19.28 -3.87
C ALA B 424 -4.76 -20.70 -3.79
N THR B 425 -3.98 -21.62 -3.21
CA THR B 425 -4.39 -23.00 -2.97
C THR B 425 -5.60 -23.11 -2.04
N ALA B 426 -5.52 -22.40 -0.92
CA ALA B 426 -6.63 -22.32 0.04
C ALA B 426 -7.92 -21.77 -0.57
N ASP B 427 -7.79 -20.70 -1.35
CA ASP B 427 -8.97 -20.10 -1.96
C ASP B 427 -9.63 -21.04 -2.95
N LEU B 428 -8.82 -21.67 -3.80
CA LEU B 428 -9.31 -22.65 -4.76
C LEU B 428 -9.95 -23.87 -4.08
N HIS B 429 -9.36 -24.31 -2.97
CA HIS B 429 -9.91 -25.40 -2.19
C HIS B 429 -11.23 -25.08 -1.47
N ALA B 430 -11.34 -23.88 -0.90
CA ALA B 430 -12.46 -23.50 -0.01
C ALA B 430 -13.61 -22.82 -0.74
N GLN B 431 -13.39 -22.51 -2.00
CA GLN B 431 -14.29 -21.77 -2.88
C GLN B 431 -15.79 -22.13 -2.81
N TYR B 432 -16.09 -23.42 -2.81
CA TYR B 432 -17.48 -23.87 -2.86
C TYR B 432 -17.89 -24.65 -1.59
N GLY B 433 -17.15 -24.47 -0.49
CA GLY B 433 -17.54 -24.98 0.82
C GLY B 433 -16.78 -26.21 1.33
N SER B 434 -15.75 -26.67 0.62
CA SER B 434 -14.95 -27.82 1.11
C SER B 434 -14.15 -27.35 2.32
N PRO B 435 -14.11 -28.19 3.39
CA PRO B 435 -13.43 -27.79 4.60
C PRO B 435 -11.95 -27.51 4.40
N THR B 436 -11.55 -26.32 4.84
CA THR B 436 -10.23 -25.77 4.67
C THR B 436 -9.91 -24.99 5.95
N TYR B 437 -8.70 -25.18 6.45
CA TYR B 437 -8.16 -24.50 7.66
C TYR B 437 -6.79 -23.94 7.28
N PHE B 438 -6.52 -22.69 7.66
CA PHE B 438 -5.28 -22.01 7.36
C PHE B 438 -4.57 -21.57 8.64
N TYR B 439 -3.24 -21.71 8.66
CA TYR B 439 -2.43 -21.22 9.81
C TYR B 439 -1.22 -20.40 9.35
N ALA B 440 -0.76 -19.53 10.23
CA ALA B 440 0.52 -18.88 10.10
C ALA B 440 1.29 -19.12 11.40
N PHE B 441 2.50 -19.64 11.27
CA PHE B 441 3.28 -20.12 12.41
C PHE B 441 4.33 -19.06 12.80
N TYR B 442 4.21 -18.54 14.02
CA TYR B 442 5.01 -17.38 14.46
CA TYR B 442 4.98 -17.38 14.46
C TYR B 442 5.96 -17.68 15.62
N HIS B 443 6.35 -18.93 15.83
CA HIS B 443 7.30 -19.21 16.91
C HIS B 443 8.41 -20.10 16.38
N HIS B 444 9.60 -19.93 16.93
CA HIS B 444 10.70 -20.87 16.73
C HIS B 444 11.42 -21.09 18.05
N CYS B 445 12.10 -22.23 18.15
CA CYS B 445 12.88 -22.60 19.33
C CYS B 445 14.17 -21.77 19.39
N GLN B 446 14.76 -21.66 20.57
CA GLN B 446 16.07 -21.01 20.72
C GLN B 446 17.18 -21.89 20.10
N SER B 447 17.96 -21.29 19.22
CA SER B 447 19.03 -21.94 18.49
C SER B 447 20.12 -20.90 18.29
N GLU B 448 21.37 -21.25 18.64
CA GLU B 448 22.48 -20.30 18.56
C GLU B 448 22.90 -19.98 17.13
N MET B 449 22.61 -20.88 16.19
CA MET B 449 22.93 -20.67 14.78
C MET B 449 21.82 -19.94 14.00
N LYS B 450 20.74 -19.56 14.69
CA LYS B 450 19.73 -18.65 14.15
C LYS B 450 20.11 -17.22 14.60
N PRO B 451 20.07 -16.22 13.68
CA PRO B 451 20.23 -14.82 14.13
C PRO B 451 19.15 -14.40 15.13
N SER B 452 19.51 -13.49 16.04
CA SER B 452 18.59 -13.05 17.11
C SER B 452 17.33 -12.31 16.57
N TRP B 453 17.48 -11.71 15.38
CA TRP B 453 16.43 -10.91 14.75
C TRP B 453 15.48 -11.73 13.87
N ALA B 454 15.85 -12.97 13.56
CA ALA B 454 15.05 -13.80 12.68
C ALA B 454 13.73 -14.24 13.30
N ASP B 455 12.69 -14.21 12.48
CA ASP B 455 11.40 -14.78 12.80
C ASP B 455 11.42 -16.27 12.47
N SER B 456 10.29 -16.94 12.73
CA SER B 456 10.12 -18.33 12.36
C SER B 456 10.50 -18.61 10.89
N ALA B 457 11.45 -19.52 10.71
CA ALA B 457 12.02 -19.82 9.41
C ALA B 457 11.51 -21.14 8.84
N HIS B 458 11.96 -21.46 7.64
CA HIS B 458 11.57 -22.69 6.95
C HIS B 458 11.99 -23.96 7.72
N GLY B 459 11.02 -24.81 8.03
CA GLY B 459 11.25 -26.04 8.83
C GLY B 459 10.98 -25.90 10.33
N ASP B 460 10.76 -24.67 10.83
CA ASP B 460 10.68 -24.42 12.30
C ASP B 460 9.43 -24.97 12.99
N GLU B 461 8.42 -25.35 12.23
CA GLU B 461 7.22 -25.96 12.82
C GLU B 461 7.39 -27.48 13.09
N VAL B 462 8.32 -28.12 12.39
CA VAL B 462 8.53 -29.59 12.44
C VAL B 462 8.76 -30.17 13.87
N PRO B 463 9.67 -29.57 14.69
CA PRO B 463 9.83 -30.08 16.06
C PRO B 463 8.56 -30.06 16.90
N TYR B 464 7.65 -29.16 16.60
CA TYR B 464 6.44 -29.02 17.38
C TYR B 464 5.42 -30.06 16.96
N VAL B 465 5.33 -30.31 15.65
CA VAL B 465 4.41 -31.28 15.06
C VAL B 465 4.71 -32.70 15.58
N PHE B 466 5.99 -32.99 15.81
CA PHE B 466 6.44 -34.31 16.22
C PHE B 466 6.84 -34.44 17.70
N GLY B 467 6.48 -33.46 18.52
CA GLY B 467 6.56 -33.58 19.96
C GLY B 467 7.97 -33.62 20.51
N ILE B 468 8.91 -33.06 19.76
CA ILE B 468 10.31 -33.10 20.17
C ILE B 468 10.64 -32.43 21.54
N PRO B 469 9.98 -31.31 21.87
CA PRO B 469 10.17 -30.72 23.24
C PRO B 469 9.82 -31.67 24.41
N MET B 470 8.99 -32.67 24.17
CA MET B 470 8.61 -33.60 25.24
C MET B 470 9.66 -34.65 25.58
N ILE B 471 10.69 -34.76 24.73
CA ILE B 471 11.89 -35.56 25.03
C ILE B 471 13.08 -34.66 25.43
N GLY B 472 13.25 -33.53 24.74
CA GLY B 472 14.33 -32.57 25.03
C GLY B 472 15.09 -32.21 23.76
N PRO B 473 16.25 -31.52 23.91
CA PRO B 473 17.13 -31.36 22.74
C PRO B 473 17.64 -32.71 22.26
N THR B 474 17.39 -33.05 20.99
CA THR B 474 18.01 -34.23 20.39
C THR B 474 19.15 -33.75 19.48
N GLU B 475 19.89 -34.70 18.91
CA GLU B 475 21.03 -34.40 18.04
C GLU B 475 20.59 -33.61 16.78
N LEU B 476 19.52 -34.09 16.15
CA LEU B 476 19.02 -33.49 14.90
C LEU B 476 18.41 -32.10 15.14
N PHE B 477 17.66 -31.97 16.25
CA PHE B 477 17.09 -30.73 16.75
C PHE B 477 17.79 -30.42 18.08
N SER B 478 18.85 -29.60 18.15
CA SER B 478 19.20 -28.42 17.32
C SER B 478 18.50 -27.17 17.88
N CYS B 479 17.82 -27.40 19.00
CA CYS B 479 17.00 -26.43 19.67
C CYS B 479 17.27 -26.61 21.14
N ASN B 480 17.23 -25.52 21.87
CA ASN B 480 16.93 -25.58 23.29
C ASN B 480 15.44 -25.28 23.44
N PHE B 481 14.81 -25.95 24.40
CA PHE B 481 13.36 -25.90 24.55
C PHE B 481 13.01 -25.44 25.97
N SER B 482 11.95 -24.64 26.09
CA SER B 482 11.44 -24.19 27.38
C SER B 482 10.07 -24.82 27.60
N LYS B 483 9.50 -24.53 28.75
CA LYS B 483 8.10 -24.85 29.06
C LYS B 483 7.12 -24.36 28.01
N ASN B 484 7.37 -23.17 27.44
CA ASN B 484 6.50 -22.62 26.42
C ASN B 484 6.51 -23.45 25.14
N ASP B 485 7.67 -24.00 24.79
CA ASP B 485 7.85 -24.85 23.61
C ASP B 485 7.11 -26.18 23.82
N VAL B 486 7.17 -26.70 25.04
CA VAL B 486 6.44 -27.93 25.38
C VAL B 486 4.93 -27.76 25.21
N MET B 487 4.41 -26.65 25.73
CA MET B 487 2.99 -26.34 25.59
C MET B 487 2.59 -26.07 24.17
N LEU B 488 3.44 -25.34 23.43
CA LEU B 488 3.15 -25.14 22.03
C LEU B 488 3.10 -26.47 21.27
N SER B 489 4.03 -27.39 21.54
CA SER B 489 3.99 -28.73 20.92
C SER B 489 2.68 -29.47 21.21
N ALA B 490 2.20 -29.39 22.45
CA ALA B 490 0.95 -30.04 22.82
C ALA B 490 -0.24 -29.42 22.05
N VAL B 491 -0.22 -28.10 21.93
CA VAL B 491 -1.24 -27.38 21.19
C VAL B 491 -1.26 -27.81 19.72
N VAL B 492 -0.07 -27.85 19.11
CA VAL B 492 0.04 -28.26 17.70
C VAL B 492 -0.33 -29.72 17.51
N MET B 493 0.23 -30.61 18.33
CA MET B 493 -0.10 -32.04 18.23
C MET B 493 -1.63 -32.32 18.43
N THR B 494 -2.28 -31.57 19.30
CA THR B 494 -3.71 -31.76 19.53
C THR B 494 -4.53 -31.34 18.32
N TYR B 495 -4.19 -30.20 17.72
CA TYR B 495 -4.85 -29.72 16.52
C TYR B 495 -4.67 -30.71 15.36
N TRP B 496 -3.41 -31.09 15.12
CA TRP B 496 -3.06 -32.03 14.02
C TRP B 496 -3.77 -33.39 14.17
N THR B 497 -3.78 -33.94 15.38
CA THR B 497 -4.39 -35.24 15.62
C THR B 497 -5.93 -35.19 15.73
N ASN B 498 -6.48 -34.11 16.29
CA ASN B 498 -7.93 -33.88 16.21
C ASN B 498 -8.42 -33.87 14.75
N PHE B 499 -7.72 -33.11 13.90
CA PHE B 499 -7.98 -33.07 12.47
C PHE B 499 -7.95 -34.45 11.83
N ALA B 500 -6.94 -35.26 12.14
CA ALA B 500 -6.85 -36.64 11.64
C ALA B 500 -8.02 -37.52 12.12
N LYS B 501 -8.49 -37.26 13.34
CA LYS B 501 -9.59 -37.98 13.94
C LYS B 501 -10.97 -37.62 13.36
N THR B 502 -11.19 -36.33 13.12
CA THR B 502 -12.53 -35.82 12.76
C THR B 502 -12.66 -34.89 11.55
N GLY B 503 -11.53 -34.41 11.01
CA GLY B 503 -11.58 -33.35 10.02
C GLY B 503 -11.78 -31.95 10.58
N ASP B 504 -11.83 -31.86 11.90
CA ASP B 504 -12.01 -30.60 12.59
C ASP B 504 -10.91 -30.49 13.66
N PRO B 505 -9.99 -29.50 13.53
CA PRO B 505 -8.90 -29.44 14.50
C PRO B 505 -9.35 -29.18 15.95
N ASN B 506 -10.62 -28.79 16.14
CA ASN B 506 -11.17 -28.55 17.45
C ASN B 506 -11.78 -29.78 18.15
N GLN B 507 -12.00 -30.86 17.39
CA GLN B 507 -12.77 -32.00 17.90
C GLN B 507 -11.98 -33.32 17.89
N PRO B 508 -11.87 -33.98 19.07
CA PRO B 508 -11.23 -35.29 19.16
C PRO B 508 -12.13 -36.48 18.84
N VAL B 509 -13.45 -36.36 19.08
CA VAL B 509 -14.42 -37.46 18.81
C VAL B 509 -15.49 -36.99 17.81
N GLU B 525 -8.56 -26.01 23.64
CA GLU B 525 -7.89 -25.15 22.67
C GLU B 525 -8.70 -23.94 22.18
N VAL B 526 -7.97 -22.92 21.71
CA VAL B 526 -8.55 -21.81 20.98
C VAL B 526 -9.23 -22.41 19.75
N ALA B 527 -10.45 -21.97 19.49
CA ALA B 527 -11.26 -22.47 18.38
C ALA B 527 -10.66 -21.98 17.04
N TRP B 528 -10.31 -22.92 16.20
CA TRP B 528 -9.72 -22.68 14.90
C TRP B 528 -10.84 -22.72 13.88
N SER B 529 -11.24 -21.54 13.42
CA SER B 529 -12.32 -21.36 12.48
C SER B 529 -11.89 -21.82 11.09
N ARG B 530 -12.85 -22.29 10.31
CA ARG B 530 -12.65 -22.60 8.90
C ARG B 530 -12.23 -21.41 8.06
N TYR B 531 -11.35 -21.69 7.10
CA TYR B 531 -10.95 -20.72 6.10
C TYR B 531 -11.95 -20.68 4.91
N ASN B 532 -12.37 -19.48 4.54
CA ASN B 532 -13.00 -19.27 3.23
C ASN B 532 -12.50 -17.98 2.57
N PRO B 533 -12.67 -17.84 1.24
CA PRO B 533 -12.16 -16.62 0.59
C PRO B 533 -12.84 -15.29 0.96
N LYS B 534 -14.03 -15.36 1.53
CA LYS B 534 -14.74 -14.16 1.95
C LYS B 534 -14.14 -13.56 3.26
N ASP B 535 -14.18 -14.35 4.33
CA ASP B 535 -13.80 -13.92 5.69
C ASP B 535 -12.32 -14.14 5.95
N GLN B 536 -11.76 -15.13 5.29
CA GLN B 536 -10.31 -15.39 5.30
C GLN B 536 -9.73 -15.54 6.73
N LEU B 537 -10.43 -16.30 7.57
CA LEU B 537 -10.02 -16.53 8.95
C LEU B 537 -8.89 -17.55 8.95
N TYR B 538 -7.84 -17.22 9.72
CA TYR B 538 -6.69 -18.09 9.93
C TYR B 538 -6.28 -18.14 11.40
N LEU B 539 -5.59 -19.21 11.78
CA LEU B 539 -5.04 -19.32 13.13
C LEU B 539 -3.59 -18.85 13.16
N HIS B 540 -3.35 -17.80 13.95
CA HIS B 540 -2.03 -17.43 14.38
C HIS B 540 -1.59 -18.46 15.42
N ILE B 541 -0.61 -19.27 15.06
CA ILE B 541 -0.06 -20.29 15.93
C ILE B 541 1.26 -19.79 16.53
N GLY B 542 1.30 -19.78 17.86
CA GLY B 542 2.45 -19.29 18.61
C GLY B 542 2.19 -19.46 20.08
N LEU B 543 2.84 -18.63 20.88
CA LEU B 543 2.64 -18.65 22.32
C LEU B 543 1.30 -18.09 22.77
N LYS B 544 0.69 -17.31 21.88
CA LYS B 544 -0.64 -16.75 22.09
C LYS B 544 -1.50 -17.07 20.88
N PRO B 545 -1.94 -18.33 20.78
CA PRO B 545 -2.70 -18.69 19.61
C PRO B 545 -3.99 -17.89 19.56
N ARG B 546 -4.37 -17.45 18.35
CA ARG B 546 -5.58 -16.69 18.20
C ARG B 546 -5.99 -16.64 16.73
N VAL B 547 -7.29 -16.54 16.51
CA VAL B 547 -7.82 -16.42 15.17
C VAL B 547 -7.71 -14.98 14.70
N ARG B 548 -7.22 -14.81 13.48
CA ARG B 548 -7.16 -13.49 12.87
C ARG B 548 -7.70 -13.64 11.45
N ASP B 549 -7.64 -12.57 10.64
CA ASP B 549 -8.14 -12.63 9.27
C ASP B 549 -7.28 -11.88 8.24
N HIS B 550 -7.41 -12.30 6.98
CA HIS B 550 -6.77 -11.64 5.84
C HIS B 550 -5.25 -11.51 6.00
N TYR B 551 -4.59 -12.65 6.20
CA TYR B 551 -3.16 -12.70 6.37
C TYR B 551 -2.40 -12.06 5.20
N ARG B 552 -1.60 -11.05 5.51
CA ARG B 552 -0.82 -10.30 4.53
C ARG B 552 -1.62 -10.01 3.24
N ALA B 553 -2.86 -9.59 3.42
CA ALA B 553 -3.84 -9.56 2.31
C ALA B 553 -3.46 -8.63 1.16
N THR B 554 -2.87 -7.50 1.49
CA THR B 554 -2.42 -6.55 0.48
C THR B 554 -1.26 -7.11 -0.37
N LYS B 555 -0.21 -7.62 0.27
CA LYS B 555 0.86 -8.31 -0.42
C LYS B 555 0.43 -9.55 -1.20
N VAL B 556 -0.48 -10.36 -0.65
CA VAL B 556 -1.04 -11.49 -1.38
C VAL B 556 -1.81 -11.04 -2.65
N ALA B 557 -2.67 -10.04 -2.52
CA ALA B 557 -3.38 -9.49 -3.67
C ALA B 557 -2.41 -8.86 -4.71
N PHE B 558 -1.31 -8.32 -4.25
CA PHE B 558 -0.31 -7.79 -5.17
C PHE B 558 0.19 -8.89 -6.09
N TRP B 559 0.63 -9.99 -5.48
CA TRP B 559 1.17 -11.11 -6.24
C TRP B 559 0.12 -11.83 -7.05
N LEU B 560 -1.06 -12.05 -6.47
CA LEU B 560 -2.11 -12.85 -7.14
C LEU B 560 -2.97 -12.09 -8.14
N GLU B 561 -3.18 -10.79 -7.93
CA GLU B 561 -4.09 -10.01 -8.77
C GLU B 561 -3.35 -9.00 -9.66
N LEU B 562 -2.54 -8.12 -9.07
CA LEU B 562 -1.91 -7.07 -9.88
C LEU B 562 -0.76 -7.60 -10.77
N VAL B 563 0.18 -8.35 -10.17
CA VAL B 563 1.38 -8.76 -10.92
C VAL B 563 1.11 -9.47 -12.27
N PRO B 564 0.18 -10.43 -12.33
CA PRO B 564 -0.16 -11.01 -13.62
C PRO B 564 -0.65 -10.02 -14.70
N HIS B 565 -0.81 -8.74 -14.35
CA HIS B 565 -1.11 -7.69 -15.33
C HIS B 565 0.12 -6.84 -15.67
N LEU B 566 1.06 -6.75 -14.73
CA LEU B 566 2.35 -6.08 -14.96
C LEU B 566 3.29 -6.85 -15.90
C1 NAG C . -18.87 60.34 4.40
C2 NAG C . -19.80 61.39 3.75
C3 NAG C . -20.48 62.23 4.85
C4 NAG C . -21.32 61.31 5.75
C5 NAG C . -20.42 60.16 6.31
C6 NAG C . -21.13 59.11 7.17
C7 NAG C . -19.34 62.19 1.51
C8 NAG C . -18.53 63.11 0.61
N2 NAG C . -19.08 62.25 2.81
O3 NAG C . -21.31 63.22 4.26
O4 NAG C . -21.88 62.10 6.79
O5 NAG C . -19.72 59.48 5.21
O6 NAG C . -22.45 58.77 6.72
O7 NAG C . -20.19 61.44 1.02
C1 NAG D . -27.88 24.22 13.21
C2 NAG D . -28.45 23.73 11.86
C3 NAG D . -29.99 23.78 11.93
C4 NAG D . -30.56 23.06 13.19
C5 NAG D . -29.80 23.52 14.45
C6 NAG D . -30.17 22.83 15.77
C7 NAG D . -26.95 24.16 9.91
C8 NAG D . -26.58 25.12 8.81
N2 NAG D . -27.95 24.53 10.74
O3 NAG D . -30.55 23.21 10.76
O4 NAG D . -31.94 23.39 13.33
O5 NAG D . -28.37 23.31 14.24
O6 NAG D . -29.51 23.47 16.86
O7 NAG D . -26.34 23.10 9.99
CAC FLC E . -8.78 12.53 15.99
CA FLC E . -10.19 13.05 16.08
CB FLC E . -10.17 14.53 15.69
CBC FLC E . -9.51 15.35 16.79
CG FLC E . -11.64 14.90 15.46
CGC FLC E . -11.87 16.36 15.17
OA1 FLC E . -8.09 12.57 17.04
OA2 FLC E . -8.36 12.10 14.89
OB1 FLC E . -8.38 15.86 16.57
OB2 FLC E . -10.12 15.50 17.88
OG1 FLC E . -13.04 16.72 14.95
OG2 FLC E . -10.90 17.14 15.18
OHB FLC E . -9.40 14.71 14.49
P PO4 F . -11.83 26.67 -5.10
O1 PO4 F . -12.85 26.63 -3.97
O2 PO4 F . -11.29 28.02 -5.24
O3 PO4 F . -12.68 26.24 -6.27
O4 PO4 F . -10.79 25.58 -4.87
CL CL G . -8.64 55.32 -9.62
CL CL H . -0.66 6.10 2.98
NA NA I . -16.11 43.80 21.76
CL CL J . -12.04 31.96 0.05
C1 GOL K . 0.61 33.30 -22.61
O1 GOL K . -0.47 32.48 -22.94
C2 GOL K . 0.77 34.47 -23.57
O2 GOL K . -0.27 34.58 -24.53
C3 GOL K . 2.12 34.46 -24.28
O3 GOL K . 2.98 35.41 -23.69
C1 NAG L . 15.64 -60.88 13.95
C2 NAG L . 16.87 -61.74 13.65
C3 NAG L . 17.24 -62.54 14.91
C4 NAG L . 17.36 -61.64 16.16
C5 NAG L . 16.20 -60.62 16.27
C6 NAG L . 16.36 -59.56 17.36
C7 NAG L . 17.30 -62.73 11.39
C8 NAG L . 18.55 -61.90 11.11
N2 NAG L . 16.59 -62.63 12.53
O3 NAG L . 18.49 -63.19 14.68
O4 NAG L . 17.31 -62.48 17.31
O5 NAG L . 16.02 -59.94 14.98
O6 NAG L . 17.61 -58.87 17.26
O7 NAG L . 16.98 -63.50 10.51
C1 NAG M . 21.49 -24.65 24.38
C2 NAG M . 22.31 -24.19 23.16
C3 NAG M . 23.82 -24.23 23.47
C4 NAG M . 24.15 -23.55 24.82
C5 NAG M . 23.29 -24.20 25.93
C6 NAG M . 23.52 -23.72 27.37
C7 NAG M . 21.46 -24.61 20.89
C8 NAG M . 21.18 -25.62 19.78
N2 NAG M . 22.00 -25.06 22.01
O3 NAG M . 24.58 -23.61 22.43
O4 NAG M . 25.55 -23.71 25.09
O5 NAG M . 21.89 -23.94 25.57
O6 NAG M . 23.38 -24.79 28.30
O7 NAG M . 21.15 -23.44 20.67
CL CL N . 10.68 -33.14 6.78
CAC FLC O . 2.61 -12.56 18.96
CA FLC O . 3.99 -13.01 19.36
CB FLC O . 4.10 -14.53 19.29
CBC FLC O . 3.01 -15.19 20.15
CG FLC O . 5.52 -14.92 19.76
CGC FLC O . 5.80 -16.40 19.70
OA1 FLC O . 2.43 -12.06 17.83
OA2 FLC O . 1.70 -12.71 19.78
OB1 FLC O . 2.04 -15.82 19.60
OB2 FLC O . 3.10 -15.05 21.40
OG1 FLC O . 6.97 -16.81 19.87
OG2 FLC O . 4.88 -17.19 19.49
OHB FLC O . 3.92 -14.92 17.93
P PO4 P . 12.58 -28.33 1.47
O1 PO4 P . 12.88 -28.47 2.95
O2 PO4 P . 13.88 -28.04 0.77
O3 PO4 P . 11.66 -27.15 1.28
O4 PO4 P . 12.01 -29.63 0.97
CL CL Q . 10.16 -57.06 -2.31
CL CL R . -0.03 -7.01 3.66
C1 GOL S . 6.63 -35.77 -18.93
O1 GOL S . 7.86 -35.10 -18.97
C2 GOL S . 6.62 -37.07 -19.73
O2 GOL S . 7.92 -37.45 -20.17
C3 GOL S . 5.72 -36.96 -20.97
O3 GOL S . 4.60 -37.83 -20.91
#